data_2YPQ
#
_entry.id   2YPQ
#
_cell.length_a   202.777
_cell.length_b   202.777
_cell.length_c   66.747
_cell.angle_alpha   90.00
_cell.angle_beta   90.00
_cell.angle_gamma   120.00
#
_symmetry.space_group_name_H-M   'P 32 2 1'
#
loop_
_entity.id
_entity.type
_entity.pdbx_description
1 polymer 'PHOSPHO-2-DEHYDRO-3-DEOXYHEPTONATE ALDOLASE AROG'
2 non-polymer TYROSINE
3 non-polymer 'MANGANESE (II) ION'
4 non-polymer TRYPTOPHAN
5 non-polymer 'PHOSPHATE ION'
6 non-polymer 'SULFATE ION'
7 non-polymer 'CHLORIDE ION'
8 non-polymer GLYCEROL
9 water water
#
_entity_poly.entity_id   1
_entity_poly.type   'polypeptide(L)'
_entity_poly.pdbx_seq_one_letter_code
;MNWTVDIPIDQLPSLPPLPTDLRTRLDAALAKPAAQQPTWPADQALAMRTVLESVPPVTVPSEIVRLQEQLAQVAKGEAF
LLQGGDCAETFMDNTEPHIRGNVRALLQMAVVLTYGASMPVVKVARIAGQYAKPRSADIDALGLRSYRGDMINGFAPDAA
AREHDPSRLVRAYANASAAMNLVRALTSSGLASLHLVHDWNREFVRTSPAGARYEALATEIDRGLRFMSACGVADRNLQT
AEIYASHEALVLDYERAMLRLSDGDDGEPQLFDLSAHTVWIGERTRQIDGAHIAFAQVIANPVGVKLGPNMTPELAVEYV
ERLDPHNKPGRLTLVSRMGNHKVRDLLPPIVEKVQATGHQVIWQCDPMHGNTHESSTGFKTRHFDRIVDEVQGFFEVHRA
LGTHPGGIHVEITGENVTECLGGAQDISETDLAGRYETACDPRLNTQQSLELAFLVAEMLRD
;
_entity_poly.pdbx_strand_id   A,B
#
loop_
_chem_comp.id
_chem_comp.type
_chem_comp.name
_chem_comp.formula
CL non-polymer 'CHLORIDE ION' 'Cl -1'
GOL non-polymer GLYCEROL 'C3 H8 O3'
MN non-polymer 'MANGANESE (II) ION' 'Mn 2'
PO4 non-polymer 'PHOSPHATE ION' 'O4 P -3'
SO4 non-polymer 'SULFATE ION' 'O4 S -2'
#
# COMPACT_ATOMS: atom_id res chain seq x y z
N MET A 1 -18.76 -4.76 26.71
CA MET A 1 -18.25 -4.72 28.07
C MET A 1 -16.90 -5.42 28.18
N ASN A 2 -16.24 -5.61 27.05
CA ASN A 2 -14.92 -6.29 27.01
C ASN A 2 -13.82 -5.40 26.44
N TRP A 3 -14.13 -4.16 26.03
CA TRP A 3 -13.13 -3.18 25.49
C TRP A 3 -12.38 -3.57 24.25
N THR A 4 -12.84 -4.62 23.58
CA THR A 4 -12.26 -5.02 22.31
C THR A 4 -13.34 -5.28 21.28
N VAL A 5 -12.98 -5.74 20.08
CA VAL A 5 -13.99 -6.00 19.07
C VAL A 5 -13.52 -7.15 18.19
N ASP A 6 -14.25 -8.25 18.14
CA ASP A 6 -13.77 -9.38 17.37
C ASP A 6 -14.10 -9.19 15.91
N ILE A 7 -13.08 -9.25 15.07
CA ILE A 7 -13.31 -9.19 13.63
C ILE A 7 -13.33 -10.61 13.09
N PRO A 8 -14.45 -10.97 12.46
CA PRO A 8 -14.68 -12.32 11.93
C PRO A 8 -13.84 -12.65 10.72
N ILE A 9 -13.51 -13.93 10.55
CA ILE A 9 -12.72 -14.34 9.41
C ILE A 9 -13.50 -15.19 8.43
N ASP A 10 -13.58 -14.74 7.18
CA ASP A 10 -14.01 -15.58 6.05
C ASP A 10 -14.52 -17.00 6.31
N PRO A 13 -12.77 -19.97 0.74
CA PRO A 13 -12.51 -19.73 -0.68
C PRO A 13 -11.04 -19.66 -0.99
N SER A 14 -10.41 -20.83 -0.91
CA SER A 14 -8.98 -20.97 -1.07
C SER A 14 -8.52 -20.86 -2.51
N LEU A 15 -7.36 -20.22 -2.68
CA LEU A 15 -6.68 -20.21 -3.95
C LEU A 15 -6.07 -21.58 -4.16
N PRO A 16 -5.65 -21.87 -5.38
CA PRO A 16 -5.04 -23.17 -5.67
C PRO A 16 -3.74 -23.33 -4.88
N PRO A 17 -3.47 -24.53 -4.40
CA PRO A 17 -2.25 -24.78 -3.67
C PRO A 17 -0.97 -24.48 -4.50
N LEU A 18 0.09 -24.22 -3.77
CA LEU A 18 1.39 -24.16 -4.38
C LEU A 18 1.56 -25.54 -5.05
N PRO A 19 2.57 -25.69 -5.90
CA PRO A 19 2.80 -26.91 -6.68
C PRO A 19 3.28 -28.07 -5.82
N THR A 20 2.75 -29.28 -6.07
CA THR A 20 3.07 -30.54 -5.32
C THR A 20 4.58 -30.75 -5.27
N ASP A 21 5.29 -30.33 -6.31
CA ASP A 21 6.72 -30.55 -6.32
C ASP A 21 7.33 -29.60 -5.29
N LEU A 22 6.92 -28.34 -5.18
CA LEU A 22 7.64 -27.37 -4.35
C LEU A 22 7.20 -27.61 -2.93
N ARG A 23 5.95 -28.05 -2.82
CA ARG A 23 5.37 -28.38 -1.55
C ARG A 23 6.14 -29.54 -0.96
N THR A 24 6.53 -30.51 -1.78
CA THR A 24 7.36 -31.57 -1.24
C THR A 24 8.70 -31.01 -0.81
N ARG A 25 9.29 -30.15 -1.61
CA ARG A 25 10.56 -29.59 -1.20
C ARG A 25 10.38 -28.80 0.09
N LEU A 26 9.32 -28.01 0.15
CA LEU A 26 9.00 -27.21 1.33
C LEU A 26 8.64 -28.02 2.58
N ASP A 27 7.84 -29.06 2.40
CA ASP A 27 7.41 -29.89 3.52
C ASP A 27 8.63 -30.55 4.12
N ALA A 28 9.50 -31.00 3.23
CA ALA A 28 10.74 -31.63 3.61
C ALA A 28 11.62 -30.66 4.40
N ALA A 29 11.67 -29.41 3.96
CA ALA A 29 12.46 -28.41 4.66
C ALA A 29 11.97 -28.09 6.07
N LEU A 30 10.66 -27.94 6.21
CA LEU A 30 10.06 -27.47 7.46
C LEU A 30 10.09 -28.49 8.57
N ALA A 31 10.35 -29.74 8.22
CA ALA A 31 10.40 -30.85 9.16
C ALA A 31 11.50 -30.64 10.20
N LYS A 32 12.56 -29.95 9.81
CA LYS A 32 13.71 -29.71 10.67
C LYS A 32 13.28 -28.90 11.88
N PRO A 33 13.92 -29.14 13.02
CA PRO A 33 13.53 -28.42 14.21
C PRO A 33 13.66 -26.90 14.07
N ALA A 34 12.60 -26.25 14.53
CA ALA A 34 12.44 -24.82 14.42
C ALA A 34 12.67 -24.23 15.79
N ALA A 35 13.64 -23.35 15.97
CA ALA A 35 13.76 -22.65 17.24
C ALA A 35 12.71 -21.57 17.46
N GLN A 36 12.29 -21.40 18.71
CA GLN A 36 11.58 -20.20 19.14
C GLN A 36 10.18 -20.01 18.59
N GLN A 37 9.64 -21.06 17.98
CA GLN A 37 8.29 -21.04 17.45
C GLN A 37 7.27 -20.89 18.56
N PRO A 38 6.07 -20.41 18.26
CA PRO A 38 5.08 -20.34 19.34
C PRO A 38 4.42 -21.64 19.60
N THR A 39 3.90 -21.75 20.82
CA THR A 39 3.33 -22.99 21.34
C THR A 39 1.85 -23.20 21.06
N TRP A 40 1.23 -22.33 20.27
CA TRP A 40 -0.20 -22.43 19.98
C TRP A 40 -0.59 -23.64 19.14
N PRO A 41 -1.84 -24.07 19.28
CA PRO A 41 -2.32 -25.32 18.68
C PRO A 41 -2.26 -25.38 17.16
N ALA A 42 -1.82 -26.51 16.64
CA ALA A 42 -1.57 -26.69 15.23
C ALA A 42 -2.83 -26.57 14.40
N ASP A 43 -3.92 -27.07 14.93
CA ASP A 43 -5.18 -27.02 14.22
C ASP A 43 -5.55 -25.57 14.00
N GLN A 44 -5.24 -24.73 14.97
CA GLN A 44 -5.60 -23.34 14.88
C GLN A 44 -4.60 -22.68 13.92
N ALA A 45 -3.32 -22.92 14.09
CA ALA A 45 -2.36 -22.30 13.20
C ALA A 45 -2.77 -22.53 11.73
N LEU A 46 -3.13 -23.77 11.44
CA LEU A 46 -3.45 -24.15 10.11
C LEU A 46 -4.61 -23.34 9.63
N ALA A 47 -5.54 -23.02 10.51
CA ALA A 47 -6.65 -22.18 10.08
C ALA A 47 -6.06 -20.88 9.64
N MET A 48 -5.30 -20.28 10.54
CA MET A 48 -4.90 -18.94 10.23
C MET A 48 -3.95 -18.95 9.03
N ARG A 49 -3.14 -19.98 8.89
CA ARG A 49 -2.26 -20.02 7.75
C ARG A 49 -3.08 -20.07 6.47
N THR A 50 -4.16 -20.85 6.50
CA THR A 50 -5.03 -20.95 5.36
C THR A 50 -5.52 -19.53 5.00
N VAL A 51 -5.82 -18.68 5.97
CA VAL A 51 -6.27 -17.36 5.52
C VAL A 51 -5.17 -16.51 4.88
N LEU A 52 -4.02 -16.65 5.47
CA LEU A 52 -2.91 -15.92 4.96
C LEU A 52 -2.59 -16.32 3.50
N GLU A 53 -2.87 -17.54 3.10
CA GLU A 53 -2.29 -18.01 1.86
C GLU A 53 -3.10 -17.48 0.74
N SER A 54 -4.14 -16.73 1.09
CA SER A 54 -5.00 -16.30 0.02
C SER A 54 -5.19 -14.78 0.00
N VAL A 55 -4.68 -14.12 1.05
CA VAL A 55 -4.65 -12.66 1.01
C VAL A 55 -3.64 -11.97 0.10
N PRO A 56 -3.86 -10.69 -0.24
CA PRO A 56 -2.86 -9.97 -1.04
C PRO A 56 -1.61 -9.65 -0.26
N PRO A 57 -0.54 -9.74 -0.99
CA PRO A 57 0.70 -9.94 -0.36
C PRO A 57 1.16 -8.55 -0.13
N VAL A 58 2.11 -8.44 0.79
CA VAL A 58 2.44 -7.13 1.27
C VAL A 58 3.48 -6.64 0.27
N THR A 59 4.24 -7.53 -0.38
CA THR A 59 5.13 -7.08 -1.44
C THR A 59 4.91 -7.86 -2.75
N VAL A 60 5.69 -7.58 -3.80
CA VAL A 60 5.69 -8.54 -4.88
C VAL A 60 7.03 -8.91 -5.49
N PRO A 61 7.01 -10.06 -6.16
CA PRO A 61 8.24 -10.61 -6.70
C PRO A 61 9.00 -9.61 -7.54
N SER A 62 8.32 -8.82 -8.32
CA SER A 62 9.05 -7.89 -9.19
C SER A 62 9.86 -6.93 -8.30
N GLU A 63 9.29 -6.61 -7.16
CA GLU A 63 9.88 -5.59 -6.30
C GLU A 63 11.10 -6.21 -5.70
N ILE A 64 11.03 -7.52 -5.45
CA ILE A 64 12.08 -8.13 -4.63
C ILE A 64 13.26 -8.46 -5.56
N VAL A 65 12.96 -8.87 -6.80
CA VAL A 65 14.04 -9.24 -7.67
C VAL A 65 14.80 -7.92 -7.91
N ARG A 66 14.06 -6.82 -7.81
CA ARG A 66 14.59 -5.52 -8.10
C ARG A 66 15.49 -5.07 -6.97
N LEU A 67 15.15 -5.48 -5.75
CA LEU A 67 16.04 -5.25 -4.64
C LEU A 67 17.29 -6.15 -4.63
N GLN A 68 17.13 -7.37 -5.14
CA GLN A 68 18.20 -8.32 -5.22
C GLN A 68 19.30 -7.71 -6.08
N GLU A 69 18.91 -7.03 -7.15
CA GLU A 69 19.84 -6.31 -8.01
C GLU A 69 20.57 -5.14 -7.38
N GLN A 70 19.86 -4.36 -6.58
CA GLN A 70 20.42 -3.21 -5.90
C GLN A 70 21.46 -3.63 -4.89
N LEU A 71 21.19 -4.76 -4.27
CA LEU A 71 21.92 -5.31 -3.15
C LEU A 71 23.20 -5.97 -3.68
N ALA A 72 22.97 -6.75 -4.73
CA ALA A 72 24.02 -7.09 -5.68
C ALA A 72 24.97 -5.91 -5.79
N GLN A 73 24.41 -4.73 -6.04
CA GLN A 73 25.33 -3.66 -6.31
C GLN A 73 26.03 -3.40 -4.96
N VAL A 74 25.32 -3.41 -3.85
CA VAL A 74 26.01 -3.22 -2.58
C VAL A 74 27.04 -4.33 -2.44
N ALA A 75 26.67 -5.59 -2.62
CA ALA A 75 27.59 -6.67 -2.32
C ALA A 75 28.86 -6.41 -3.11
N LYS A 76 28.70 -5.77 -4.26
CA LYS A 76 29.83 -5.43 -5.15
C LYS A 76 30.54 -4.16 -4.69
N GLY A 77 30.12 -3.58 -3.58
CA GLY A 77 30.80 -2.42 -3.03
C GLY A 77 30.51 -1.10 -3.68
N GLU A 78 29.42 -1.05 -4.42
CA GLU A 78 29.05 0.11 -5.18
C GLU A 78 27.79 0.81 -4.73
N ALA A 79 27.07 0.21 -3.78
CA ALA A 79 26.05 0.94 -3.05
C ALA A 79 26.28 0.51 -1.61
N PHE A 80 25.47 1.09 -0.73
CA PHE A 80 25.61 0.92 0.72
C PHE A 80 24.23 0.64 1.29
N LEU A 81 24.13 -0.23 2.30
CA LEU A 81 22.79 -0.65 2.72
C LEU A 81 22.31 -0.07 4.03
N LEU A 82 21.11 0.48 4.12
CA LEU A 82 20.71 1.17 5.35
C LEU A 82 19.44 0.51 5.79
N GLN A 83 19.44 0.01 7.00
CA GLN A 83 18.29 -0.77 7.47
C GLN A 83 18.03 -0.34 8.88
N GLY A 84 16.74 -0.14 9.14
CA GLY A 84 16.44 0.54 10.39
C GLY A 84 14.98 0.72 10.57
N GLY A 85 14.54 0.76 11.81
CA GLY A 85 13.19 1.08 12.20
C GLY A 85 13.10 0.45 13.56
N ASP A 86 11.87 0.13 13.92
CA ASP A 86 11.60 -0.16 15.29
C ASP A 86 12.28 -1.48 15.62
N CYS A 87 12.73 -1.62 16.86
CA CYS A 87 13.14 -2.94 17.37
C CYS A 87 11.98 -3.85 17.25
N ALA A 88 10.87 -3.46 17.86
CA ALA A 88 9.65 -4.24 17.80
C ALA A 88 8.53 -3.32 17.37
N GLU A 89 7.72 -3.76 16.43
CA GLU A 89 6.59 -2.97 16.02
C GLU A 89 5.37 -3.46 16.78
N THR A 90 4.67 -2.53 17.40
CA THR A 90 3.48 -2.87 18.16
C THR A 90 2.28 -2.36 17.43
N PHE A 91 1.29 -3.23 17.29
CA PHE A 91 0.03 -2.92 16.62
C PHE A 91 -0.53 -1.58 17.17
N MET A 92 -0.45 -1.31 18.46
CA MET A 92 -1.16 -0.14 18.97
C MET A 92 -0.57 1.12 18.36
N ASP A 93 0.70 1.05 17.95
CA ASP A 93 1.48 2.20 17.52
C ASP A 93 1.81 2.35 16.02
N ASN A 94 1.16 1.50 15.21
CA ASN A 94 1.27 1.39 13.80
C ASN A 94 0.26 2.42 13.38
N THR A 95 0.61 3.65 13.70
CA THR A 95 -0.20 4.76 13.30
C THR A 95 0.42 5.59 12.20
N GLU A 96 -0.37 6.42 11.56
CA GLU A 96 0.18 7.18 10.47
C GLU A 96 1.32 8.07 10.94
N PRO A 97 1.17 8.73 12.08
CA PRO A 97 2.23 9.62 12.57
C PRO A 97 3.51 8.88 12.90
N HIS A 98 3.39 7.75 13.57
CA HIS A 98 4.55 6.96 13.95
C HIS A 98 5.24 6.42 12.73
N ILE A 99 4.47 5.93 11.78
CA ILE A 99 5.01 5.45 10.52
C ILE A 99 5.66 6.57 9.72
N ARG A 100 5.02 7.73 9.67
CA ARG A 100 5.63 8.87 8.98
C ARG A 100 7.00 9.10 9.62
N GLY A 101 7.02 9.25 10.94
CA GLY A 101 8.24 9.57 11.62
C GLY A 101 9.30 8.50 11.44
N ASN A 102 8.98 7.23 11.60
CA ASN A 102 10.06 6.33 11.25
C ASN A 102 10.55 6.37 9.82
N VAL A 103 9.69 6.53 8.81
CA VAL A 103 10.27 6.70 7.52
C VAL A 103 11.01 8.04 7.42
N ARG A 104 10.45 9.09 8.00
CA ARG A 104 11.12 10.36 7.88
C ARG A 104 12.56 10.20 8.38
N ALA A 105 12.73 9.40 9.43
CA ALA A 105 13.99 9.20 10.10
C ALA A 105 14.87 8.44 9.15
N LEU A 106 14.29 7.43 8.52
CA LEU A 106 15.16 6.56 7.78
C LEU A 106 15.68 7.39 6.62
N LEU A 107 14.81 8.12 5.94
CA LEU A 107 15.26 8.97 4.82
C LEU A 107 16.19 10.04 5.34
N GLN A 108 16.00 10.58 6.54
CA GLN A 108 16.94 11.61 6.90
C GLN A 108 18.40 11.11 6.96
N MET A 109 18.58 9.93 7.54
CA MET A 109 19.86 9.33 7.45
C MET A 109 20.15 8.98 6.01
N ALA A 110 19.13 8.68 5.22
CA ALA A 110 19.41 8.16 3.90
C ALA A 110 20.17 9.20 3.12
N VAL A 111 19.72 10.45 3.21
CA VAL A 111 20.41 11.51 2.50
C VAL A 111 21.82 11.71 3.04
N VAL A 112 21.96 11.66 4.36
CA VAL A 112 23.28 11.86 4.93
C VAL A 112 24.28 10.76 4.61
N LEU A 113 23.84 9.52 4.73
CA LEU A 113 24.61 8.39 4.26
C LEU A 113 24.78 8.45 2.76
N THR A 114 23.78 8.87 2.01
CA THR A 114 24.02 8.95 0.57
C THR A 114 25.13 9.86 0.11
N TYR A 115 25.10 11.08 0.60
CA TYR A 115 26.21 11.97 0.36
C TYR A 115 27.53 11.42 0.83
N GLY A 116 27.56 11.12 2.13
CA GLY A 116 28.77 10.53 2.67
C GLY A 116 29.34 9.34 1.91
N ALA A 117 28.50 8.51 1.29
CA ALA A 117 28.92 7.20 0.84
C ALA A 117 29.45 7.50 -0.53
N SER A 118 29.10 8.69 -0.94
CA SER A 118 29.23 9.03 -2.33
C SER A 118 28.57 7.95 -3.18
N MET A 119 27.60 7.17 -2.75
CA MET A 119 27.08 6.17 -3.70
C MET A 119 25.68 5.79 -3.28
N PRO A 120 24.83 5.38 -4.22
CA PRO A 120 23.46 5.14 -3.82
C PRO A 120 23.35 4.26 -2.58
N VAL A 121 22.37 4.65 -1.77
CA VAL A 121 21.98 3.81 -0.65
C VAL A 121 20.68 3.07 -0.91
N VAL A 122 20.71 1.80 -0.49
CA VAL A 122 19.55 0.95 -0.51
C VAL A 122 18.84 1.07 0.83
N LYS A 123 17.59 1.56 0.86
CA LYS A 123 16.84 1.78 2.11
C LYS A 123 15.85 0.68 2.46
N VAL A 124 16.17 -0.05 3.52
CA VAL A 124 15.22 -1.03 4.00
C VAL A 124 14.77 -0.70 5.42
N ALA A 125 13.46 -0.54 5.56
CA ALA A 125 12.82 -0.38 6.84
C ALA A 125 12.58 -1.69 7.61
N ARG A 126 12.85 -1.63 8.91
CA ARG A 126 12.32 -2.64 9.77
C ARG A 126 10.91 -2.13 9.98
N ILE A 127 9.97 -2.79 9.31
CA ILE A 127 8.59 -2.34 9.36
C ILE A 127 7.63 -3.22 8.57
N ALA A 128 6.37 -3.15 8.98
CA ALA A 128 5.38 -3.94 8.30
C ALA A 128 5.58 -5.42 8.49
N GLY A 129 6.04 -5.78 9.71
CA GLY A 129 6.30 -7.21 9.97
C GLY A 129 7.22 -7.63 11.08
N GLN A 130 7.84 -6.65 11.73
CA GLN A 130 8.69 -6.92 12.87
C GLN A 130 7.80 -7.04 14.10
N TYR A 131 6.94 -8.05 14.10
CA TYR A 131 5.98 -8.24 15.18
C TYR A 131 6.22 -9.43 16.11
N ALA A 132 7.32 -10.14 15.90
CA ALA A 132 7.65 -11.28 16.77
C ALA A 132 9.11 -11.23 17.14
N LYS A 133 9.43 -11.65 18.36
CA LYS A 133 10.81 -11.62 18.83
C LYS A 133 11.21 -13.02 19.33
N PRO A 134 12.49 -13.23 19.63
CA PRO A 134 12.87 -14.49 20.21
C PRO A 134 12.80 -14.18 21.66
N ARG A 135 12.64 -15.22 22.46
CA ARG A 135 12.93 -15.18 23.90
C ARG A 135 14.18 -15.86 24.48
N SER A 136 14.71 -15.34 25.59
CA SER A 136 15.79 -16.00 26.34
C SER A 136 15.15 -16.95 27.33
N ALA A 137 14.23 -16.35 28.09
CA ALA A 137 13.61 -16.79 29.33
C ALA A 137 12.18 -17.29 29.14
N ASP A 138 11.86 -18.50 29.59
CA ASP A 138 10.50 -19.04 29.63
C ASP A 138 9.54 -18.09 30.36
N ILE A 139 9.98 -17.59 31.50
CA ILE A 139 9.19 -16.68 32.32
C ILE A 139 9.91 -15.37 32.50
N ASP A 140 9.19 -14.28 32.27
CA ASP A 140 9.71 -12.94 32.46
C ASP A 140 9.71 -12.59 33.93
N ALA A 141 10.29 -11.46 34.26
CA ALA A 141 10.47 -11.05 35.65
C ALA A 141 9.17 -10.89 36.40
N LEU A 142 8.06 -10.78 35.68
CA LEU A 142 6.82 -10.35 36.33
C LEU A 142 6.17 -11.65 36.72
N GLY A 143 7.03 -12.66 36.57
CA GLY A 143 6.62 -14.07 36.51
C GLY A 143 5.60 -14.58 35.50
N LEU A 144 5.67 -14.03 34.30
CA LEU A 144 4.66 -14.33 33.27
C LEU A 144 5.36 -14.98 32.06
N ARG A 145 4.55 -15.65 31.23
CA ARG A 145 5.08 -16.18 29.99
C ARG A 145 5.65 -15.00 29.27
N SER A 146 6.88 -15.09 28.77
CA SER A 146 7.42 -14.10 27.83
C SER A 146 6.46 -13.57 26.74
N TYR A 147 6.46 -12.24 26.74
CA TYR A 147 6.07 -11.40 25.62
C TYR A 147 6.99 -11.53 24.42
N ARG A 148 6.44 -12.19 23.39
CA ARG A 148 7.14 -12.63 22.13
C ARG A 148 6.91 -11.81 20.80
N GLY A 149 6.28 -10.62 20.98
CA GLY A 149 5.95 -9.76 19.81
C GLY A 149 4.47 -9.76 19.52
N ASP A 150 3.85 -8.68 19.02
CA ASP A 150 2.37 -8.76 18.86
C ASP A 150 2.02 -9.84 17.85
N MET A 151 2.90 -10.23 16.94
CA MET A 151 2.54 -11.41 16.19
C MET A 151 2.11 -12.60 17.05
N ILE A 152 2.74 -12.77 18.20
CA ILE A 152 2.47 -13.91 19.06
C ILE A 152 1.57 -13.63 20.27
N ASN A 153 1.82 -12.54 20.98
CA ASN A 153 1.05 -12.20 22.18
C ASN A 153 1.08 -10.75 22.59
N GLY A 154 0.24 -10.38 23.56
CA GLY A 154 0.15 -8.99 24.01
C GLY A 154 1.28 -8.52 24.90
N PHE A 155 1.64 -7.25 24.75
CA PHE A 155 2.66 -6.60 25.61
C PHE A 155 2.22 -6.43 27.06
N ALA A 156 0.93 -6.38 27.31
CA ALA A 156 0.40 -6.12 28.64
C ALA A 156 0.76 -7.28 29.53
N PRO A 157 1.07 -6.99 30.78
CA PRO A 157 1.41 -8.06 31.71
C PRO A 157 0.18 -8.65 32.34
N ASP A 158 -0.66 -9.28 31.55
CA ASP A 158 -1.73 -10.10 32.08
C ASP A 158 -1.73 -11.45 31.39
N ALA A 159 -1.78 -12.52 32.17
CA ALA A 159 -1.63 -13.85 31.63
C ALA A 159 -2.53 -14.01 30.40
N ALA A 160 -3.84 -13.69 30.46
CA ALA A 160 -4.68 -13.64 29.22
C ALA A 160 -3.98 -13.05 27.97
N ALA A 161 -3.52 -11.79 28.05
CA ALA A 161 -2.68 -11.18 27.04
C ALA A 161 -1.58 -12.13 26.57
N ARG A 162 -0.94 -12.88 27.48
CA ARG A 162 0.27 -13.56 27.06
C ARG A 162 0.01 -14.83 26.31
N GLU A 163 -1.24 -15.27 26.27
CA GLU A 163 -1.35 -16.56 25.65
C GLU A 163 -0.98 -16.39 24.18
N HIS A 164 -0.31 -17.39 23.59
CA HIS A 164 0.10 -17.37 22.19
C HIS A 164 -1.18 -17.43 21.40
N ASP A 165 -1.57 -16.36 20.73
CA ASP A 165 -2.85 -16.48 20.08
C ASP A 165 -2.74 -16.34 18.56
N PRO A 166 -2.97 -17.42 17.82
CA PRO A 166 -2.71 -17.35 16.39
C PRO A 166 -3.69 -16.60 15.51
N SER A 167 -4.63 -15.91 16.14
CA SER A 167 -5.47 -14.96 15.42
C SER A 167 -4.54 -13.82 15.12
N ARG A 168 -3.49 -13.79 15.92
CA ARG A 168 -2.59 -12.67 15.93
C ARG A 168 -1.83 -12.75 14.64
N LEU A 169 -1.95 -13.88 13.95
CA LEU A 169 -1.16 -13.98 12.72
C LEU A 169 -1.83 -13.08 11.70
N VAL A 170 -3.08 -12.75 11.91
CA VAL A 170 -3.82 -12.25 10.81
C VAL A 170 -3.82 -10.79 11.17
N ARG A 171 -3.89 -10.57 12.48
CA ARG A 171 -3.84 -9.17 12.83
C ARG A 171 -2.48 -8.64 12.41
N ALA A 172 -1.46 -9.48 12.59
CA ALA A 172 -0.19 -9.10 11.99
C ALA A 172 -0.42 -8.70 10.55
N TYR A 173 -1.08 -9.55 9.77
CA TYR A 173 -1.10 -9.27 8.35
C TYR A 173 -1.78 -7.97 7.99
N ALA A 174 -2.92 -7.70 8.61
CA ALA A 174 -3.68 -6.51 8.32
C ALA A 174 -2.85 -5.29 8.67
N ASN A 175 -2.14 -5.39 9.77
CA ASN A 175 -1.29 -4.32 10.25
C ASN A 175 -0.16 -3.99 9.30
N ALA A 176 0.38 -5.01 8.66
CA ALA A 176 1.60 -4.89 7.90
C ALA A 176 1.23 -4.30 6.56
N SER A 177 0.15 -4.82 6.00
CA SER A 177 -0.50 -4.23 4.87
C SER A 177 -0.73 -2.74 4.94
N ALA A 178 -1.60 -2.39 5.87
CA ALA A 178 -1.83 -1.01 6.28
C ALA A 178 -0.55 -0.20 6.34
N ALA A 179 0.48 -0.77 6.93
CA ALA A 179 1.63 0.04 7.17
C ALA A 179 2.30 0.15 5.82
N MET A 180 2.46 -0.99 5.19
CA MET A 180 3.14 -1.06 3.89
C MET A 180 2.53 -0.08 2.90
N ASN A 181 1.23 -0.02 2.91
CA ASN A 181 0.58 0.70 1.90
C ASN A 181 0.69 2.17 2.25
N LEU A 182 0.73 2.51 3.54
CA LEU A 182 1.09 3.90 3.86
C LEU A 182 2.51 4.21 3.40
N VAL A 183 3.43 3.28 3.58
CA VAL A 183 4.84 3.60 3.36
C VAL A 183 5.08 3.93 1.90
N ARG A 184 4.52 3.09 1.06
CA ARG A 184 4.36 3.39 -0.37
C ARG A 184 3.76 4.72 -0.77
N ALA A 185 2.56 5.01 -0.36
CA ALA A 185 1.95 6.35 -0.59
C ALA A 185 2.88 7.46 -0.13
N LEU A 186 3.41 7.28 1.07
CA LEU A 186 4.21 8.36 1.63
C LEU A 186 5.37 8.61 0.73
N THR A 187 6.04 7.55 0.28
CA THR A 187 7.26 7.76 -0.40
C THR A 187 7.04 8.10 -1.84
N SER A 188 5.89 7.79 -2.40
CA SER A 188 5.59 8.09 -3.79
C SER A 188 5.04 9.50 -3.88
N SER A 189 4.63 10.01 -2.73
CA SER A 189 4.21 11.38 -2.57
C SER A 189 5.42 12.08 -2.00
N GLY A 190 5.26 13.36 -1.74
CA GLY A 190 6.38 14.19 -1.38
C GLY A 190 7.22 13.88 -0.16
N LEU A 191 6.98 12.79 0.55
CA LEU A 191 7.65 12.72 1.87
C LEU A 191 9.06 12.28 1.66
N ALA A 192 9.32 11.62 0.54
CA ALA A 192 10.70 11.30 0.34
C ALA A 192 11.26 12.23 -0.73
N SER A 193 10.77 13.48 -0.80
CA SER A 193 11.50 14.43 -1.62
C SER A 193 12.91 14.65 -1.05
N LEU A 194 13.93 14.80 -1.86
CA LEU A 194 15.20 15.04 -1.24
C LEU A 194 15.24 16.38 -0.52
N HIS A 195 14.59 17.36 -1.12
CA HIS A 195 14.75 18.71 -0.64
C HIS A 195 14.01 18.88 0.62
N LEU A 196 12.88 18.20 0.73
CA LEU A 196 12.19 18.31 1.99
C LEU A 196 12.88 17.59 3.14
N VAL A 197 13.37 16.39 2.86
CA VAL A 197 13.98 15.53 3.85
C VAL A 197 15.20 16.24 4.38
N HIS A 198 15.92 16.88 3.46
CA HIS A 198 17.06 17.68 3.80
C HIS A 198 16.67 18.87 4.64
N ASP A 199 15.53 19.49 4.32
CA ASP A 199 15.11 20.66 5.06
C ASP A 199 14.94 20.31 6.52
N TRP A 200 14.42 19.12 6.77
CA TRP A 200 14.31 18.61 8.13
C TRP A 200 15.70 18.47 8.72
N ASN A 201 16.64 18.03 7.91
CA ASN A 201 18.00 17.88 8.35
C ASN A 201 18.62 19.23 8.74
N ARG A 202 18.32 20.29 8.01
CA ARG A 202 18.88 21.59 8.33
C ARG A 202 18.39 22.07 9.68
N GLU A 203 17.12 21.82 9.92
CA GLU A 203 16.37 22.22 11.09
C GLU A 203 16.93 21.50 12.31
N PHE A 204 17.46 20.32 12.02
CA PHE A 204 18.19 19.55 13.02
C PHE A 204 19.49 20.24 13.43
N VAL A 205 20.23 20.74 12.44
CA VAL A 205 21.48 21.45 12.72
C VAL A 205 21.31 22.79 13.44
N ARG A 206 20.32 23.56 13.01
CA ARG A 206 19.95 24.79 13.63
C ARG A 206 19.82 24.42 15.08
N THR A 207 19.33 23.23 15.39
CA THR A 207 18.91 23.07 16.79
C THR A 207 19.54 21.96 17.63
N SER A 208 20.35 21.06 17.06
CA SER A 208 20.99 20.08 17.93
C SER A 208 22.02 20.88 18.69
N PRO A 209 22.35 20.40 19.88
CA PRO A 209 23.41 20.95 20.72
C PRO A 209 24.74 20.83 20.00
N ALA A 210 24.87 19.75 19.25
CA ALA A 210 26.09 19.42 18.54
C ALA A 210 25.97 19.86 17.09
N GLY A 211 25.19 20.90 16.84
CA GLY A 211 24.93 21.32 15.49
C GLY A 211 26.21 21.85 14.88
N ALA A 212 27.01 22.58 15.64
CA ALA A 212 28.36 22.85 15.17
C ALA A 212 28.98 21.61 14.55
N ARG A 213 28.87 20.51 15.29
CA ARG A 213 29.69 19.34 14.87
C ARG A 213 29.36 19.08 13.41
N TYR A 214 28.20 19.53 12.94
CA TYR A 214 27.58 18.89 11.81
C TYR A 214 27.39 19.92 10.71
N GLU A 215 27.56 21.19 11.09
CA GLU A 215 27.17 22.21 10.18
C GLU A 215 27.95 22.05 8.89
N ALA A 216 29.22 21.65 9.01
CA ALA A 216 30.14 21.89 7.92
C ALA A 216 29.56 20.95 6.87
N LEU A 217 29.42 19.69 7.26
CA LEU A 217 28.95 18.62 6.39
C LEU A 217 27.52 18.85 5.92
N ALA A 218 26.69 19.37 6.79
CA ALA A 218 25.32 19.67 6.41
C ALA A 218 25.39 20.70 5.30
N THR A 219 26.31 21.64 5.43
CA THR A 219 26.48 22.67 4.40
C THR A 219 26.97 22.12 3.05
N GLU A 220 27.98 21.25 3.05
CA GLU A 220 28.30 20.56 1.85
C GLU A 220 27.04 19.90 1.35
N ILE A 221 26.17 19.40 2.21
CA ILE A 221 25.17 18.59 1.52
C ILE A 221 24.31 19.57 0.77
N ASP A 222 23.80 20.58 1.48
CA ASP A 222 22.93 21.61 0.87
C ASP A 222 23.47 22.00 -0.49
N ARG A 223 24.78 22.22 -0.53
CA ARG A 223 25.38 22.87 -1.65
C ARG A 223 25.55 21.84 -2.75
N GLY A 224 25.93 20.64 -2.40
CA GLY A 224 25.95 19.66 -3.46
C GLY A 224 24.53 19.40 -3.95
N LEU A 225 23.54 19.64 -3.09
CA LEU A 225 22.17 19.50 -3.60
C LEU A 225 21.82 20.62 -4.52
N ARG A 226 22.05 21.83 -4.07
CA ARG A 226 21.89 22.97 -4.91
C ARG A 226 22.70 22.91 -6.22
N PHE A 227 23.87 22.32 -6.20
CA PHE A 227 24.59 22.02 -7.45
C PHE A 227 23.76 21.17 -8.40
N MET A 228 22.95 20.27 -7.87
CA MET A 228 22.12 19.50 -8.76
C MET A 228 21.15 20.35 -9.56
N SER A 229 20.54 21.34 -8.91
CA SER A 229 19.61 22.15 -9.70
C SER A 229 20.42 23.16 -10.52
N ALA A 230 21.55 23.67 -9.98
CA ALA A 230 22.40 24.50 -10.79
C ALA A 230 22.68 23.79 -12.13
N CYS A 231 22.97 22.50 -12.01
CA CYS A 231 23.32 21.66 -13.15
C CYS A 231 22.18 21.33 -14.11
N GLY A 232 20.95 21.42 -13.63
CA GLY A 232 19.79 21.20 -14.46
C GLY A 232 19.45 19.75 -14.73
N VAL A 233 20.03 18.86 -13.95
CA VAL A 233 19.78 17.44 -14.08
C VAL A 233 18.32 17.19 -13.78
N ALA A 234 17.69 16.33 -14.56
CA ALA A 234 16.25 16.12 -14.39
C ALA A 234 16.04 15.60 -12.99
N ASP A 235 15.16 16.26 -12.27
CA ASP A 235 15.07 16.08 -10.84
C ASP A 235 13.96 15.15 -10.41
N ARG A 236 13.27 14.51 -11.34
CA ARG A 236 12.12 13.78 -10.83
C ARG A 236 12.71 12.72 -9.94
N ASN A 237 13.90 12.23 -10.27
CA ASN A 237 14.35 11.14 -9.44
C ASN A 237 14.61 11.57 -8.04
N LEU A 238 14.47 12.86 -7.78
CA LEU A 238 14.73 13.42 -6.47
C LEU A 238 13.44 13.59 -5.65
N GLN A 239 12.32 13.06 -6.15
CA GLN A 239 10.98 13.29 -5.59
C GLN A 239 10.42 12.15 -4.75
N THR A 240 11.12 11.02 -4.78
CA THR A 240 10.59 9.69 -4.45
C THR A 240 11.78 8.82 -4.19
N ALA A 241 11.68 7.91 -3.25
CA ALA A 241 12.76 7.11 -2.67
C ALA A 241 12.13 5.75 -2.50
N GLU A 242 12.90 4.69 -2.56
CA GLU A 242 12.27 3.40 -2.46
C GLU A 242 12.72 2.98 -1.10
N ILE A 243 11.79 2.64 -0.24
CA ILE A 243 12.01 2.04 1.09
C ILE A 243 11.41 0.65 1.12
N TYR A 244 12.29 -0.33 1.24
CA TYR A 244 11.87 -1.71 1.22
C TYR A 244 11.48 -2.05 2.62
N ALA A 245 10.86 -3.21 2.71
CA ALA A 245 10.44 -3.67 4.02
C ALA A 245 11.17 -4.95 4.43
N SER A 246 11.65 -4.94 5.67
CA SER A 246 12.29 -6.12 6.21
C SER A 246 11.88 -6.35 7.63
N HIS A 247 11.90 -7.61 8.04
CA HIS A 247 11.68 -7.99 9.41
C HIS A 247 12.39 -9.32 9.57
N GLU A 248 12.61 -9.73 10.80
CA GLU A 248 13.21 -11.03 11.04
C GLU A 248 12.18 -12.10 10.79
N ALA A 249 12.57 -13.16 10.07
CA ALA A 249 11.64 -14.23 9.86
C ALA A 249 11.76 -15.17 11.04
N LEU A 250 10.82 -15.03 11.97
CA LEU A 250 10.83 -15.87 13.16
C LEU A 250 9.68 -16.85 13.20
N VAL A 251 8.46 -16.34 12.98
CA VAL A 251 7.28 -17.17 13.08
C VAL A 251 7.00 -17.82 11.74
N LEU A 252 7.36 -19.07 11.63
CA LEU A 252 7.40 -19.72 10.34
C LEU A 252 6.00 -19.94 9.86
N ASP A 253 5.05 -19.97 10.78
CA ASP A 253 3.67 -20.13 10.36
C ASP A 253 3.24 -18.95 9.51
N TYR A 254 3.56 -17.75 9.98
CA TYR A 254 3.27 -16.53 9.24
C TYR A 254 4.12 -16.46 7.98
N GLU A 255 5.39 -16.76 8.16
CA GLU A 255 6.33 -16.70 7.06
C GLU A 255 5.98 -17.70 6.00
N ARG A 256 5.66 -18.92 6.44
CA ARG A 256 5.27 -19.99 5.53
C ARG A 256 3.98 -19.61 4.84
N ALA A 257 3.10 -19.00 5.63
CA ALA A 257 1.77 -18.63 5.16
C ALA A 257 1.91 -17.67 4.03
N MET A 258 2.90 -16.80 4.06
CA MET A 258 2.94 -15.82 3.02
C MET A 258 3.78 -16.18 1.82
N LEU A 259 4.07 -17.46 1.59
CA LEU A 259 4.94 -17.77 0.46
C LEU A 259 4.13 -17.74 -0.83
N ARG A 260 4.70 -17.33 -1.96
CA ARG A 260 3.97 -17.38 -3.23
C ARG A 260 4.96 -17.72 -4.30
N LEU A 261 4.43 -18.23 -5.38
CA LEU A 261 5.16 -18.48 -6.62
C LEU A 261 5.03 -17.23 -7.52
N SER A 262 6.16 -16.80 -8.11
CA SER A 262 6.17 -15.75 -9.14
C SER A 262 5.44 -16.19 -10.43
N ASP A 263 5.08 -15.19 -11.26
CA ASP A 263 4.36 -15.32 -12.53
C ASP A 263 5.15 -16.33 -13.31
N GLY A 264 6.47 -16.21 -13.21
CA GLY A 264 7.43 -16.87 -14.09
C GLY A 264 7.69 -16.19 -15.43
N ASP A 265 6.97 -15.10 -15.70
CA ASP A 265 7.11 -14.42 -16.98
C ASP A 265 8.49 -13.83 -17.14
N ASP A 266 8.97 -13.18 -16.09
CA ASP A 266 10.32 -12.65 -16.09
C ASP A 266 11.33 -13.78 -16.15
N GLY A 267 11.02 -14.84 -15.41
CA GLY A 267 11.92 -15.96 -15.21
C GLY A 267 11.12 -17.18 -14.79
N GLU A 268 11.79 -18.32 -14.70
CA GLU A 268 11.14 -19.53 -14.24
C GLU A 268 10.61 -19.25 -12.83
N PRO A 269 9.45 -19.81 -12.50
CA PRO A 269 8.77 -19.48 -11.25
C PRO A 269 9.59 -19.90 -10.05
N GLN A 270 9.61 -19.05 -9.03
CA GLN A 270 10.46 -19.26 -7.86
C GLN A 270 9.54 -19.17 -6.69
N LEU A 271 9.97 -19.66 -5.54
CA LEU A 271 9.23 -19.44 -4.33
C LEU A 271 9.77 -18.20 -3.64
N PHE A 272 8.90 -17.22 -3.46
CA PHE A 272 9.20 -16.06 -2.61
C PHE A 272 8.41 -15.80 -1.35
N ASP A 273 8.96 -15.05 -0.41
CA ASP A 273 8.21 -14.67 0.78
C ASP A 273 7.75 -13.23 0.65
N LEU A 274 6.43 -13.07 0.61
CA LEU A 274 5.80 -11.79 0.30
C LEU A 274 5.29 -11.06 1.52
N SER A 275 5.72 -11.51 2.69
CA SER A 275 5.48 -10.83 3.96
C SER A 275 6.22 -9.49 3.98
N ALA A 276 7.28 -9.43 3.21
CA ALA A 276 8.34 -8.46 3.32
C ALA A 276 9.18 -8.51 2.07
N HIS A 277 10.15 -7.61 2.05
CA HIS A 277 11.00 -7.66 0.89
C HIS A 277 12.13 -8.59 1.18
N THR A 278 12.89 -8.40 2.27
CA THR A 278 14.07 -9.27 2.58
C THR A 278 13.76 -9.55 4.02
N VAL A 279 14.17 -10.68 4.57
CA VAL A 279 13.98 -10.93 6.00
C VAL A 279 15.31 -11.46 6.51
N TRP A 280 15.71 -11.26 7.76
CA TRP A 280 16.87 -11.97 8.33
C TRP A 280 16.49 -13.02 9.38
N ILE A 281 17.47 -13.81 9.81
CA ILE A 281 17.29 -14.94 10.74
C ILE A 281 18.13 -14.53 11.89
N GLY A 282 17.60 -14.66 13.10
CA GLY A 282 18.36 -14.11 14.21
C GLY A 282 19.44 -15.03 14.77
N GLU A 283 19.85 -14.70 15.98
CA GLU A 283 21.14 -15.14 16.47
C GLU A 283 20.72 -16.41 17.13
N ARG A 284 19.56 -16.39 17.77
CA ARG A 284 18.93 -17.58 18.29
C ARG A 284 18.23 -18.53 17.35
N THR A 285 18.09 -18.26 16.06
CA THR A 285 17.24 -19.22 15.34
C THR A 285 18.02 -19.69 14.19
N ARG A 286 19.32 -19.43 14.28
CA ARG A 286 20.07 -19.65 13.07
C ARG A 286 20.73 -21.00 12.89
N GLN A 287 20.37 -21.92 13.76
CA GLN A 287 21.05 -23.17 13.75
C GLN A 287 20.96 -23.69 12.34
N ILE A 288 22.13 -24.04 11.84
CA ILE A 288 22.37 -24.63 10.51
C ILE A 288 21.41 -25.73 10.08
N ASP A 289 21.11 -26.65 11.00
CA ASP A 289 20.30 -27.79 10.60
C ASP A 289 18.82 -27.60 10.85
N GLY A 290 18.47 -26.34 11.10
CA GLY A 290 17.17 -25.93 11.61
C GLY A 290 16.27 -25.52 10.45
N ALA A 291 14.99 -25.34 10.72
CA ALA A 291 14.03 -24.89 9.74
C ALA A 291 14.31 -23.47 9.25
N HIS A 292 14.71 -22.58 10.14
CA HIS A 292 14.88 -21.19 9.75
C HIS A 292 15.92 -21.04 8.66
N ILE A 293 17.06 -21.68 8.82
CA ILE A 293 18.07 -21.69 7.78
C ILE A 293 17.57 -22.43 6.54
N ALA A 294 16.85 -23.51 6.77
CA ALA A 294 16.28 -24.28 5.65
C ALA A 294 15.34 -23.41 4.87
N PHE A 295 14.70 -22.48 5.59
CA PHE A 295 13.49 -21.83 5.10
C PHE A 295 14.03 -20.74 4.19
N ALA A 296 15.00 -20.04 4.78
CA ALA A 296 15.79 -19.13 3.99
C ALA A 296 16.44 -19.76 2.79
N GLN A 297 16.66 -21.07 2.84
CA GLN A 297 17.24 -21.76 1.70
C GLN A 297 16.32 -21.80 0.50
N VAL A 298 15.07 -22.13 0.77
CA VAL A 298 14.05 -22.29 -0.25
C VAL A 298 13.63 -21.01 -0.97
N ILE A 299 13.44 -19.94 -0.20
CA ILE A 299 12.89 -18.71 -0.74
C ILE A 299 13.91 -17.92 -1.52
N ALA A 300 13.47 -17.28 -2.60
CA ALA A 300 14.34 -16.31 -3.30
C ALA A 300 14.64 -14.92 -2.71
N ASN A 301 13.85 -14.49 -1.72
CA ASN A 301 14.09 -13.15 -1.21
C ASN A 301 15.56 -13.03 -0.84
N PRO A 302 16.19 -11.87 -1.02
CA PRO A 302 17.38 -11.63 -0.25
C PRO A 302 17.18 -11.98 1.19
N VAL A 303 18.06 -12.86 1.68
CA VAL A 303 18.17 -13.02 3.10
C VAL A 303 19.50 -12.55 3.69
N GLY A 304 19.41 -12.25 4.99
CA GLY A 304 20.52 -12.04 5.92
C GLY A 304 20.58 -12.97 7.16
N VAL A 305 21.74 -13.20 7.76
CA VAL A 305 21.91 -13.93 9.03
C VAL A 305 22.73 -13.14 10.05
N LYS A 306 22.27 -12.90 11.26
CA LYS A 306 23.03 -12.16 12.27
C LYS A 306 24.20 -12.96 12.85
N LEU A 307 25.31 -12.27 13.10
CA LEU A 307 26.49 -12.93 13.65
C LEU A 307 27.00 -12.18 14.87
N GLY A 308 26.98 -12.94 15.96
CA GLY A 308 27.59 -12.53 17.23
C GLY A 308 28.80 -13.34 17.64
N PRO A 309 29.15 -13.17 18.92
CA PRO A 309 30.54 -13.45 19.20
C PRO A 309 30.90 -14.91 19.04
N ASN A 310 29.94 -15.81 19.20
CA ASN A 310 30.24 -17.23 19.19
C ASN A 310 30.55 -17.74 17.81
N MET A 311 30.27 -16.91 16.80
CA MET A 311 30.39 -17.34 15.43
C MET A 311 31.83 -17.73 15.13
N THR A 312 31.97 -18.82 14.38
CA THR A 312 33.27 -19.34 13.97
C THR A 312 33.30 -19.29 12.47
N PRO A 313 34.39 -18.78 11.91
CA PRO A 313 34.42 -18.52 10.48
C PRO A 313 33.97 -19.73 9.70
N GLU A 314 34.28 -20.92 10.17
CA GLU A 314 33.80 -22.10 9.49
C GLU A 314 32.27 -22.15 9.46
N LEU A 315 31.61 -21.80 10.55
CA LEU A 315 30.14 -21.76 10.56
C LEU A 315 29.58 -20.72 9.61
N ALA A 316 30.18 -19.53 9.65
CA ALA A 316 30.01 -18.50 8.61
C ALA A 316 29.96 -19.10 7.21
N VAL A 317 30.93 -19.95 6.91
CA VAL A 317 31.11 -20.45 5.57
C VAL A 317 29.92 -21.33 5.21
N GLU A 318 29.60 -22.16 6.19
CA GLU A 318 28.57 -23.14 5.95
C GLU A 318 27.30 -22.35 5.65
N TYR A 319 27.09 -21.22 6.31
CA TYR A 319 25.99 -20.34 5.93
C TYR A 319 26.09 -20.01 4.49
N VAL A 320 27.22 -19.36 4.21
CA VAL A 320 27.47 -19.06 2.83
C VAL A 320 27.18 -20.28 1.95
N GLU A 321 27.52 -21.55 2.27
CA GLU A 321 27.43 -22.56 1.16
C GLU A 321 25.97 -23.06 1.10
N ARG A 322 25.30 -22.97 2.24
CA ARG A 322 23.89 -23.37 2.35
C ARG A 322 22.93 -22.37 1.67
N LEU A 323 23.10 -21.10 2.03
CA LEU A 323 22.16 -20.06 1.69
C LEU A 323 22.55 -19.33 0.42
N ASP A 324 23.72 -19.59 -0.16
CA ASP A 324 24.11 -18.93 -1.39
C ASP A 324 24.78 -19.90 -2.33
N PRO A 325 24.15 -21.05 -2.52
CA PRO A 325 24.77 -22.12 -3.29
C PRO A 325 25.12 -21.65 -4.69
N HIS A 326 24.29 -20.80 -5.27
CA HIS A 326 24.44 -20.36 -6.65
C HIS A 326 25.40 -19.19 -6.89
N ASN A 327 26.00 -18.68 -5.82
CA ASN A 327 26.89 -17.53 -5.94
C ASN A 327 26.27 -16.28 -6.55
N LYS A 328 25.07 -15.95 -6.12
CA LYS A 328 24.45 -14.73 -6.57
C LYS A 328 24.80 -13.65 -5.58
N PRO A 329 25.57 -12.65 -6.03
CA PRO A 329 26.09 -11.64 -5.12
C PRO A 329 24.97 -10.82 -4.51
N GLY A 330 25.04 -10.62 -3.21
CA GLY A 330 24.03 -9.86 -2.52
C GLY A 330 22.84 -10.73 -2.23
N ARG A 331 22.86 -11.99 -2.67
CA ARG A 331 21.76 -12.87 -2.28
C ARG A 331 21.74 -13.03 -0.77
N LEU A 332 22.90 -13.10 -0.17
CA LEU A 332 22.96 -13.31 1.27
C LEU A 332 23.76 -12.21 1.94
N THR A 333 23.26 -11.66 3.05
CA THR A 333 23.97 -10.65 3.82
C THR A 333 24.34 -11.24 5.14
N LEU A 334 25.47 -10.90 5.78
CA LEU A 334 25.82 -11.40 7.12
C LEU A 334 26.11 -10.19 7.99
N VAL A 335 25.57 -10.19 9.21
CA VAL A 335 25.43 -8.93 9.90
C VAL A 335 26.25 -8.84 11.18
N SER A 336 27.42 -8.23 11.19
CA SER A 336 28.21 -8.35 12.40
C SER A 336 27.51 -7.68 13.58
N ARG A 337 27.43 -8.39 14.70
CA ARG A 337 27.03 -7.77 15.96
C ARG A 337 27.89 -8.30 17.12
N MET A 338 29.19 -8.05 17.04
CA MET A 338 30.14 -8.41 18.08
C MET A 338 30.02 -7.64 19.40
N GLY A 339 29.77 -6.34 19.29
CA GLY A 339 30.03 -5.38 20.35
C GLY A 339 31.29 -4.63 19.99
N ASN A 340 31.42 -3.39 20.46
CA ASN A 340 32.54 -2.55 20.08
C ASN A 340 33.88 -3.08 20.53
N HIS A 341 33.92 -3.63 21.75
CA HIS A 341 35.15 -4.16 22.30
C HIS A 341 35.69 -5.32 21.49
N LYS A 342 34.80 -6.16 20.98
CA LYS A 342 35.24 -7.34 20.24
C LYS A 342 35.15 -7.34 18.71
N VAL A 343 34.79 -6.25 18.04
CA VAL A 343 34.35 -6.43 16.67
C VAL A 343 35.64 -6.43 15.89
N ARG A 344 36.61 -5.69 16.41
CA ARG A 344 37.90 -5.64 15.77
C ARG A 344 38.57 -6.99 15.81
N ASP A 345 38.42 -7.75 16.90
CA ASP A 345 39.21 -8.98 17.00
C ASP A 345 38.33 -10.02 16.34
N LEU A 346 37.06 -10.00 16.71
CA LEU A 346 36.22 -11.13 16.35
C LEU A 346 35.97 -11.30 14.84
N LEU A 347 35.74 -10.16 14.19
CA LEU A 347 35.31 -10.08 12.81
C LEU A 347 36.27 -10.49 11.70
N PRO A 348 37.53 -10.09 11.81
CA PRO A 348 38.47 -10.21 10.69
C PRO A 348 38.53 -11.60 10.10
N PRO A 349 38.77 -12.58 10.94
CA PRO A 349 38.89 -13.94 10.45
C PRO A 349 37.68 -14.35 9.62
N ILE A 350 36.51 -13.98 10.12
CA ILE A 350 35.26 -14.41 9.50
C ILE A 350 35.21 -13.92 8.07
N VAL A 351 35.46 -12.62 7.95
CA VAL A 351 35.42 -11.95 6.66
C VAL A 351 36.39 -12.68 5.73
N GLU A 352 37.61 -12.90 6.18
CA GLU A 352 38.60 -13.52 5.32
C GLU A 352 38.20 -14.93 4.94
N LYS A 353 37.71 -15.69 5.90
CA LYS A 353 37.35 -17.07 5.59
C LYS A 353 36.25 -17.05 4.57
N VAL A 354 35.26 -16.19 4.79
CA VAL A 354 34.17 -16.05 3.85
C VAL A 354 34.62 -15.46 2.52
N GLN A 355 35.51 -14.48 2.55
CA GLN A 355 35.96 -13.86 1.31
C GLN A 355 36.61 -14.92 0.42
N ALA A 356 37.34 -15.83 1.04
CA ALA A 356 38.12 -16.85 0.32
C ALA A 356 37.23 -17.78 -0.47
N THR A 357 35.96 -17.84 -0.07
CA THR A 357 34.98 -18.76 -0.62
C THR A 357 34.70 -18.61 -2.12
N GLY A 358 34.69 -17.37 -2.59
CA GLY A 358 34.13 -17.05 -3.90
C GLY A 358 33.06 -16.00 -3.65
N HIS A 359 32.12 -16.36 -2.79
CA HIS A 359 30.85 -15.67 -2.68
C HIS A 359 30.96 -14.23 -2.25
N GLN A 360 30.11 -13.39 -2.84
CA GLN A 360 30.09 -11.99 -2.50
C GLN A 360 28.85 -11.73 -1.66
N VAL A 361 29.07 -11.28 -0.44
CA VAL A 361 28.00 -11.16 0.52
C VAL A 361 28.04 -9.76 1.08
N ILE A 362 26.90 -9.24 1.48
CA ILE A 362 26.90 -7.91 2.04
C ILE A 362 27.41 -8.02 3.45
N TRP A 363 28.39 -7.19 3.80
CA TRP A 363 28.88 -7.16 5.15
C TRP A 363 28.21 -5.97 5.78
N GLN A 364 27.24 -6.25 6.63
CA GLN A 364 26.44 -5.21 7.23
C GLN A 364 26.66 -5.21 8.70
N CYS A 365 26.89 -4.03 9.25
CA CYS A 365 27.13 -3.91 10.68
C CYS A 365 25.90 -3.56 11.44
N ASP A 366 25.40 -4.53 12.19
CA ASP A 366 24.49 -4.26 13.32
C ASP A 366 25.20 -3.86 14.61
N PRO A 367 25.39 -2.58 14.83
CA PRO A 367 25.98 -2.16 16.09
C PRO A 367 24.95 -1.98 17.21
N MET A 368 23.81 -2.61 17.13
CA MET A 368 22.92 -2.40 18.25
C MET A 368 22.89 -3.62 19.19
N HIS A 369 22.77 -4.84 18.67
CA HIS A 369 22.51 -6.02 19.52
C HIS A 369 23.68 -6.49 20.33
N GLY A 370 24.90 -6.38 19.83
CA GLY A 370 26.04 -6.42 20.75
C GLY A 370 26.20 -5.36 21.84
N ASN A 371 25.39 -4.30 21.85
CA ASN A 371 25.70 -3.19 22.74
C ASN A 371 24.74 -2.86 23.90
N THR A 372 23.94 -3.83 24.32
CA THR A 372 22.89 -3.53 25.29
C THR A 372 23.23 -3.85 26.75
N HIS A 373 23.00 -2.88 27.63
CA HIS A 373 23.20 -3.05 29.06
C HIS A 373 22.09 -2.38 29.87
N GLU A 374 21.74 -2.98 31.01
CA GLU A 374 20.76 -2.40 31.93
C GLU A 374 21.35 -1.22 32.69
N SER A 375 20.55 -0.18 32.93
CA SER A 375 21.09 1.01 33.61
C SER A 375 20.74 0.89 35.06
N SER A 376 21.48 1.63 35.90
CA SER A 376 21.19 1.73 37.34
C SER A 376 19.70 2.06 37.56
N THR A 377 19.06 2.70 36.60
CA THR A 377 17.73 3.13 36.92
C THR A 377 16.64 2.13 36.53
N GLY A 378 16.99 0.89 36.17
CA GLY A 378 15.99 -0.08 35.73
C GLY A 378 15.95 -0.52 34.26
N PHE A 379 16.12 0.48 33.37
CA PHE A 379 15.78 0.38 31.94
C PHE A 379 16.94 -0.21 31.10
N LYS A 380 16.60 -1.04 30.11
CA LYS A 380 17.56 -1.72 29.24
C LYS A 380 18.09 -0.57 28.43
N THR A 381 19.35 -0.63 27.99
CA THR A 381 19.91 0.55 27.34
C THR A 381 21.15 0.21 26.54
N ARG A 382 21.61 1.23 25.85
CA ARG A 382 22.65 1.15 24.85
C ARG A 382 23.28 2.53 24.83
N HIS A 383 24.59 2.54 24.62
CA HIS A 383 25.31 3.79 24.63
C HIS A 383 25.63 4.21 23.23
N PHE A 384 25.38 5.48 22.94
CA PHE A 384 25.51 5.99 21.60
C PHE A 384 26.93 5.77 21.15
N ASP A 385 27.87 6.01 22.05
CA ASP A 385 29.29 5.88 21.74
C ASP A 385 29.68 4.46 21.40
N ARG A 386 29.13 3.50 22.12
CA ARG A 386 29.59 2.11 21.98
C ARG A 386 29.13 1.68 20.61
N ILE A 387 28.03 2.26 20.15
CA ILE A 387 27.36 1.90 18.92
C ILE A 387 28.15 2.47 17.74
N VAL A 388 28.26 3.79 17.77
CA VAL A 388 29.12 4.52 16.88
C VAL A 388 30.33 3.60 16.77
N ASP A 389 30.86 3.30 17.96
CA ASP A 389 32.19 2.76 17.97
C ASP A 389 32.29 1.45 17.21
N GLU A 390 31.23 0.66 17.27
CA GLU A 390 31.24 -0.64 16.68
C GLU A 390 31.30 -0.41 15.20
N VAL A 391 30.63 0.64 14.73
CA VAL A 391 30.60 0.89 13.31
C VAL A 391 32.01 1.23 12.87
N GLN A 392 32.68 2.01 13.71
CA GLN A 392 34.03 2.44 13.43
C GLN A 392 34.93 1.22 13.34
N GLY A 393 34.74 0.28 14.26
CA GLY A 393 35.49 -0.95 14.25
C GLY A 393 35.20 -1.76 13.01
N PHE A 394 33.93 -1.77 12.63
CA PHE A 394 33.46 -2.57 11.50
C PHE A 394 34.10 -2.02 10.22
N PHE A 395 34.01 -0.73 10.09
CA PHE A 395 34.78 -0.09 9.07
C PHE A 395 36.24 -0.51 9.07
N GLU A 396 36.91 -0.23 10.19
CA GLU A 396 38.36 -0.45 10.32
C GLU A 396 38.72 -1.86 9.93
N VAL A 397 37.90 -2.83 10.27
CA VAL A 397 38.13 -4.22 9.94
C VAL A 397 38.15 -4.43 8.43
N HIS A 398 37.23 -3.78 7.75
CA HIS A 398 37.04 -3.97 6.30
C HIS A 398 38.04 -3.19 5.56
N ARG A 399 38.32 -1.98 6.01
CA ARG A 399 39.31 -1.13 5.37
C ARG A 399 40.61 -1.86 5.47
N ALA A 400 40.92 -2.39 6.65
CA ALA A 400 42.13 -3.19 6.73
C ALA A 400 42.00 -4.38 5.79
N LEU A 401 40.87 -5.06 5.70
CA LEU A 401 41.00 -6.24 4.87
C LEU A 401 40.78 -5.98 3.39
N GLY A 402 40.53 -4.72 3.03
CA GLY A 402 40.10 -4.37 1.65
C GLY A 402 38.84 -5.03 1.08
N THR A 403 37.99 -5.34 2.04
CA THR A 403 36.61 -5.64 1.77
C THR A 403 35.67 -4.44 1.89
N HIS A 404 34.46 -4.62 1.33
CA HIS A 404 33.49 -3.53 1.43
C HIS A 404 32.61 -3.54 2.62
N PRO A 405 32.53 -2.43 3.33
CA PRO A 405 31.60 -2.27 4.44
C PRO A 405 30.18 -2.03 3.93
N GLY A 406 29.38 -3.09 3.86
CA GLY A 406 28.19 -3.06 3.03
C GLY A 406 27.20 -2.02 3.46
N GLY A 407 27.00 -1.86 4.77
CA GLY A 407 25.99 -0.97 5.28
C GLY A 407 25.75 -1.19 6.76
N ILE A 408 24.72 -0.55 7.29
CA ILE A 408 24.39 -0.72 8.70
C ILE A 408 22.97 -1.21 8.91
N HIS A 409 22.78 -1.95 9.99
CA HIS A 409 21.46 -2.37 10.43
C HIS A 409 21.26 -1.74 11.79
N VAL A 410 20.23 -0.92 11.96
CA VAL A 410 20.03 -0.23 13.22
C VAL A 410 18.59 -0.18 13.69
N GLU A 411 18.40 0.01 14.99
CA GLU A 411 17.09 0.17 15.56
C GLU A 411 16.97 1.66 15.90
N ILE A 412 15.96 2.30 15.34
CA ILE A 412 15.76 3.75 15.47
C ILE A 412 14.24 4.03 15.51
N THR A 413 13.85 5.28 15.80
CA THR A 413 12.48 5.70 15.55
C THR A 413 12.39 7.20 15.27
N GLY A 414 11.23 7.73 14.89
CA GLY A 414 11.02 9.13 14.55
C GLY A 414 10.57 9.90 15.78
N GLU A 415 10.09 9.18 16.78
CA GLU A 415 9.71 9.75 18.04
C GLU A 415 10.97 10.16 18.76
N ASN A 416 10.81 11.19 19.59
CA ASN A 416 11.87 11.64 20.46
C ASN A 416 11.84 10.86 21.76
N VAL A 417 12.15 9.58 21.64
CA VAL A 417 12.19 8.67 22.77
C VAL A 417 13.48 8.89 23.53
N THR A 418 13.53 8.36 24.75
CA THR A 418 14.76 8.39 25.51
C THR A 418 15.03 6.99 25.98
N GLU A 419 15.32 6.12 25.02
CA GLU A 419 15.62 4.72 25.30
C GLU A 419 17.08 4.35 25.12
N CYS A 420 17.88 5.29 24.63
CA CYS A 420 19.30 5.06 24.42
C CYS A 420 20.04 6.21 25.06
N LEU A 421 21.24 5.97 25.58
CA LEU A 421 21.86 7.02 26.37
C LEU A 421 22.85 7.67 25.42
N GLY A 422 22.98 9.00 25.60
CA GLY A 422 24.13 9.74 25.09
C GLY A 422 23.79 10.49 23.82
N GLY A 423 24.79 10.58 22.92
CA GLY A 423 24.65 11.47 21.78
C GLY A 423 24.46 12.95 22.17
N ALA A 424 24.22 13.78 21.14
CA ALA A 424 24.22 15.21 21.29
C ALA A 424 23.28 15.65 22.42
N GLN A 425 22.10 15.06 22.53
CA GLN A 425 21.21 15.37 23.67
C GLN A 425 21.74 14.90 25.06
N ASP A 426 22.74 14.05 25.08
CA ASP A 426 23.30 13.64 26.37
C ASP A 426 22.28 13.00 27.31
N ILE A 427 21.36 12.22 26.75
CA ILE A 427 20.48 11.38 27.54
C ILE A 427 21.21 10.85 28.78
N SER A 428 20.58 10.94 29.96
CA SER A 428 21.15 10.45 31.20
C SER A 428 20.17 9.34 31.60
N GLU A 429 20.73 8.30 32.23
CA GLU A 429 19.91 7.29 32.93
C GLU A 429 18.59 7.80 33.60
N THR A 430 18.59 8.93 34.27
CA THR A 430 17.32 9.51 34.68
C THR A 430 16.41 9.98 33.55
N ASP A 431 17.00 10.36 32.43
CA ASP A 431 16.22 10.86 31.32
C ASP A 431 15.37 9.74 30.78
N LEU A 432 15.98 8.58 30.75
CA LEU A 432 15.35 7.35 30.32
C LEU A 432 13.92 7.10 30.80
N ALA A 433 13.51 7.60 31.96
CA ALA A 433 12.15 7.32 32.36
C ALA A 433 11.20 8.13 31.46
N GLY A 434 11.66 9.29 31.03
CA GLY A 434 10.74 10.23 30.43
C GLY A 434 10.01 9.72 29.22
N ARG A 435 10.70 9.05 28.31
CA ARG A 435 10.00 8.44 27.20
C ARG A 435 10.56 7.10 26.74
N TYR A 436 10.52 6.10 27.61
CA TYR A 436 10.93 4.77 27.23
C TYR A 436 9.75 4.03 26.63
N GLU A 437 9.40 4.36 25.39
CA GLU A 437 8.19 3.83 24.79
C GLU A 437 8.49 2.72 23.81
N THR A 438 9.53 1.94 24.07
CA THR A 438 9.91 0.87 23.17
C THR A 438 9.31 -0.34 23.83
N ALA A 439 8.75 -1.24 23.03
CA ALA A 439 8.35 -2.55 23.52
C ALA A 439 9.46 -3.54 23.55
N CYS A 440 10.71 -3.11 23.50
CA CYS A 440 11.75 -4.12 23.51
C CYS A 440 13.12 -3.51 23.68
N ASP A 441 13.93 -3.57 22.62
CA ASP A 441 15.24 -3.00 22.67
C ASP A 441 15.17 -1.47 22.62
N PRO A 442 16.12 -0.87 23.29
CA PRO A 442 16.06 0.56 23.28
C PRO A 442 16.53 0.98 21.89
N ARG A 443 15.93 2.00 21.31
CA ARG A 443 16.31 2.43 19.98
C ARG A 443 16.74 3.88 19.94
N LEU A 444 17.52 4.18 18.92
CA LEU A 444 18.01 5.49 18.66
C LEU A 444 16.85 6.42 18.42
N ASN A 445 16.82 7.54 19.13
CA ASN A 445 15.77 8.52 18.91
C ASN A 445 16.07 9.25 17.61
N THR A 446 15.10 10.00 17.11
CA THR A 446 15.18 10.55 15.77
C THR A 446 16.43 11.39 15.69
N GLN A 447 16.74 12.10 16.76
CA GLN A 447 18.00 12.81 16.84
C GLN A 447 19.22 11.88 16.84
N GLN A 448 19.15 10.73 17.50
CA GLN A 448 20.37 9.92 17.65
C GLN A 448 20.72 9.21 16.32
N SER A 449 19.74 8.59 15.68
CA SER A 449 19.72 8.20 14.26
C SER A 449 20.35 9.25 13.39
N LEU A 450 19.98 10.54 13.46
CA LEU A 450 20.56 11.42 12.43
C LEU A 450 22.04 11.59 12.62
N GLU A 451 22.29 11.92 13.88
CA GLU A 451 23.58 12.25 14.36
C GLU A 451 24.35 11.01 14.07
N LEU A 452 23.71 9.85 14.19
CA LEU A 452 24.53 8.63 13.96
C LEU A 452 24.90 8.62 12.51
N ALA A 453 24.08 9.27 11.70
CA ALA A 453 24.31 9.04 10.28
C ALA A 453 25.35 10.06 9.89
N PHE A 454 25.34 11.21 10.58
CA PHE A 454 26.50 12.10 10.37
C PHE A 454 27.79 11.41 10.69
N LEU A 455 27.81 10.72 11.83
CA LEU A 455 29.09 10.18 12.25
C LEU A 455 29.40 9.10 11.24
N VAL A 456 28.38 8.46 10.66
CA VAL A 456 28.81 7.37 9.77
C VAL A 456 29.23 7.93 8.39
N ALA A 457 28.51 8.93 7.93
CA ALA A 457 28.93 9.65 6.76
C ALA A 457 30.44 9.95 6.83
N GLU A 458 30.90 10.60 7.93
CA GLU A 458 32.35 10.84 8.17
C GLU A 458 33.16 9.54 8.14
N MET A 459 32.71 8.45 8.77
CA MET A 459 33.46 7.23 8.45
C MET A 459 33.56 7.00 6.96
N LEU A 460 32.49 7.16 6.18
CA LEU A 460 32.60 6.70 4.79
C LEU A 460 33.58 7.52 3.91
N ARG A 461 33.84 8.77 4.30
CA ARG A 461 34.84 9.64 3.68
C ARG A 461 36.18 9.68 4.38
N ASP A 462 36.94 8.61 4.24
CA ASP A 462 38.30 8.57 4.76
C ASP A 462 39.41 8.04 3.86
N MET B 1 -12.15 -19.05 13.25
CA MET B 1 -11.99 -18.22 14.44
C MET B 1 -12.35 -16.76 14.14
N ASN B 2 -11.60 -15.85 14.73
CA ASN B 2 -11.73 -14.44 14.47
C ASN B 2 -10.55 -13.71 15.06
N TRP B 3 -10.27 -12.50 14.59
CA TRP B 3 -9.25 -11.68 15.22
C TRP B 3 -9.83 -10.49 16.00
N THR B 4 -9.27 -10.25 17.17
CA THR B 4 -9.76 -9.25 18.08
C THR B 4 -8.84 -8.04 18.10
N VAL B 5 -9.44 -6.85 18.00
CA VAL B 5 -8.68 -5.63 17.89
C VAL B 5 -9.11 -4.85 19.10
N ASP B 6 -8.21 -4.04 19.67
CA ASP B 6 -8.49 -3.27 20.87
C ASP B 6 -9.12 -1.96 20.46
N ILE B 7 -9.93 -1.40 21.36
CA ILE B 7 -10.35 -0.01 21.24
C ILE B 7 -9.44 0.92 22.04
N PRO B 8 -8.89 1.93 21.37
CA PRO B 8 -7.88 2.83 21.96
C PRO B 8 -8.36 3.46 23.25
N ILE B 9 -7.41 3.86 24.09
CA ILE B 9 -7.73 4.44 25.38
C ILE B 9 -6.76 5.55 25.73
N LEU B 15 -7.40 12.15 16.42
CA LEU B 15 -7.04 12.55 17.78
C LEU B 15 -6.43 13.97 17.76
N PRO B 16 -6.37 14.70 16.62
CA PRO B 16 -6.17 16.19 16.67
C PRO B 16 -7.39 17.02 16.45
N PRO B 17 -7.65 17.95 17.37
CA PRO B 17 -8.93 18.64 17.40
C PRO B 17 -9.14 19.44 16.13
N LEU B 18 -10.36 19.39 15.62
CA LEU B 18 -10.73 20.15 14.45
C LEU B 18 -10.75 21.61 14.81
N PRO B 19 -10.42 22.47 13.85
CA PRO B 19 -10.56 23.89 14.09
C PRO B 19 -12.04 24.12 14.33
N THR B 20 -12.37 24.98 15.27
CA THR B 20 -13.78 25.16 15.63
C THR B 20 -14.80 25.10 14.47
N ASP B 21 -14.45 25.79 13.39
CA ASP B 21 -15.29 25.80 12.20
C ASP B 21 -15.45 24.46 11.49
N LEU B 22 -14.38 23.67 11.43
CA LEU B 22 -14.46 22.41 10.71
C LEU B 22 -15.35 21.46 11.53
N ARG B 23 -15.23 21.54 12.84
CA ARG B 23 -16.06 20.80 13.76
C ARG B 23 -17.52 21.19 13.59
N THR B 24 -17.78 22.49 13.44
CA THR B 24 -19.17 22.93 13.37
C THR B 24 -19.81 22.50 12.07
N ARG B 25 -19.06 22.80 11.03
CA ARG B 25 -19.47 22.50 9.67
C ARG B 25 -19.60 21.02 9.47
N LEU B 26 -18.71 20.22 10.06
CA LEU B 26 -18.83 18.77 9.88
C LEU B 26 -20.07 18.24 10.56
N ASP B 27 -20.20 18.63 11.84
CA ASP B 27 -21.39 18.31 12.66
C ASP B 27 -22.72 18.75 11.99
N ALA B 28 -22.70 19.99 11.52
CA ALA B 28 -23.88 20.52 10.87
C ALA B 28 -24.12 19.58 9.72
N ALA B 29 -23.01 19.37 9.01
CA ALA B 29 -23.00 18.40 7.92
C ALA B 29 -23.66 17.07 8.22
N LEU B 30 -23.33 16.50 9.37
CA LEU B 30 -23.69 15.10 9.54
C LEU B 30 -25.00 14.90 10.23
N ALA B 31 -25.52 16.02 10.75
CA ALA B 31 -26.87 16.11 11.39
C ALA B 31 -28.01 16.03 10.39
N LYS B 32 -27.74 16.55 9.21
CA LYS B 32 -28.78 16.43 8.23
C LYS B 32 -29.13 14.99 7.95
N PRO B 33 -30.21 14.86 7.23
CA PRO B 33 -30.73 13.53 7.17
C PRO B 33 -29.83 12.77 6.28
N ALA B 34 -29.67 11.52 6.62
CA ALA B 34 -28.78 10.70 5.86
C ALA B 34 -29.47 9.44 5.34
N ALA B 35 -29.69 9.38 4.05
CA ALA B 35 -30.35 8.20 3.55
C ALA B 35 -29.47 6.96 3.52
N GLN B 36 -30.09 5.84 3.19
CA GLN B 36 -29.40 4.58 2.99
C GLN B 36 -28.26 4.18 3.95
N GLN B 37 -28.41 4.57 5.22
CA GLN B 37 -27.34 4.39 6.16
C GLN B 37 -27.74 3.04 6.74
N PRO B 38 -26.76 2.14 6.99
CA PRO B 38 -26.97 0.92 7.78
C PRO B 38 -27.62 1.18 9.16
N THR B 39 -28.32 0.19 9.71
CA THR B 39 -29.17 0.40 10.87
C THR B 39 -28.57 0.00 12.22
N TRP B 40 -27.27 -0.27 12.25
CA TRP B 40 -26.60 -0.72 13.47
C TRP B 40 -26.45 0.35 14.56
N PRO B 41 -26.24 -0.10 15.79
CA PRO B 41 -26.24 0.76 16.99
C PRO B 41 -25.12 1.78 17.06
N ALA B 42 -25.39 2.92 17.70
CA ALA B 42 -24.39 3.97 17.88
C ALA B 42 -23.17 3.61 18.73
N ASP B 43 -23.37 2.93 19.86
CA ASP B 43 -22.23 2.49 20.68
C ASP B 43 -21.10 1.83 19.87
N GLN B 44 -21.56 1.06 18.90
CA GLN B 44 -20.88 -0.06 18.33
C GLN B 44 -20.34 0.54 17.03
N ALA B 45 -21.20 1.28 16.37
CA ALA B 45 -20.67 2.06 15.31
C ALA B 45 -19.58 2.95 15.91
N LEU B 46 -19.86 3.66 16.99
CA LEU B 46 -18.81 4.54 17.54
C LEU B 46 -17.48 3.74 17.78
N ALA B 47 -17.64 2.46 18.00
CA ALA B 47 -16.51 1.80 18.58
C ALA B 47 -15.65 1.64 17.33
N MET B 48 -16.24 0.92 16.37
CA MET B 48 -15.63 0.77 15.08
C MET B 48 -14.99 2.07 14.63
N ARG B 49 -15.65 3.20 14.81
CA ARG B 49 -15.07 4.43 14.33
C ARG B 49 -13.75 4.74 14.99
N THR B 50 -13.56 4.27 16.22
CA THR B 50 -12.51 4.76 17.05
C THR B 50 -11.25 4.10 16.66
N VAL B 51 -11.46 2.86 16.26
CA VAL B 51 -10.40 2.01 15.70
C VAL B 51 -9.85 2.73 14.51
N LEU B 52 -10.72 2.81 13.52
CA LEU B 52 -10.48 3.50 12.28
C LEU B 52 -9.90 4.89 12.43
N GLU B 53 -10.30 5.71 13.41
CA GLU B 53 -9.81 7.09 13.40
C GLU B 53 -8.28 6.99 13.66
N SER B 54 -7.78 5.80 13.99
CA SER B 54 -6.30 5.58 14.08
C SER B 54 -5.55 4.79 13.05
N VAL B 55 -6.24 3.89 12.37
CA VAL B 55 -5.58 3.24 11.28
C VAL B 55 -4.99 4.26 10.35
N PRO B 56 -3.81 3.95 9.81
CA PRO B 56 -3.24 4.48 8.61
C PRO B 56 -4.23 4.55 7.50
N PRO B 57 -4.09 5.62 6.72
CA PRO B 57 -5.15 6.03 5.88
C PRO B 57 -4.91 5.20 4.66
N VAL B 58 -5.89 4.94 3.82
CA VAL B 58 -5.61 4.30 2.60
C VAL B 58 -4.94 5.18 1.57
N THR B 59 -5.34 6.45 1.56
CA THR B 59 -4.62 7.42 0.74
C THR B 59 -4.13 8.56 1.61
N VAL B 60 -3.39 9.48 1.01
CA VAL B 60 -2.85 10.59 1.78
C VAL B 60 -3.14 11.87 1.02
N PRO B 61 -3.15 13.03 1.67
CA PRO B 61 -3.48 14.29 0.94
C PRO B 61 -2.72 14.69 -0.31
N SER B 62 -1.41 14.77 -0.23
CA SER B 62 -0.54 15.03 -1.35
C SER B 62 -1.11 14.35 -2.58
N GLU B 63 -1.62 13.14 -2.47
CA GLU B 63 -2.10 12.41 -3.64
C GLU B 63 -3.40 12.93 -4.26
N ILE B 64 -4.30 13.31 -3.35
CA ILE B 64 -5.62 13.86 -3.68
C ILE B 64 -5.52 15.25 -4.26
N VAL B 65 -4.57 16.00 -3.75
CA VAL B 65 -4.35 17.26 -4.38
C VAL B 65 -3.81 16.95 -5.78
N ARG B 66 -2.96 15.95 -5.86
CA ARG B 66 -2.36 15.58 -7.11
C ARG B 66 -3.47 15.21 -8.04
N LEU B 67 -4.56 14.66 -7.49
CA LEU B 67 -5.51 13.99 -8.37
C LEU B 67 -6.33 15.17 -8.85
N GLN B 68 -6.50 16.13 -7.95
CA GLN B 68 -7.27 17.33 -8.29
C GLN B 68 -6.61 18.01 -9.48
N GLU B 69 -5.28 17.99 -9.56
CA GLU B 69 -4.65 18.94 -10.47
C GLU B 69 -4.92 18.33 -11.81
N GLN B 70 -4.83 17.02 -11.77
CA GLN B 70 -5.06 16.28 -12.93
C GLN B 70 -6.55 16.24 -13.30
N LEU B 71 -7.46 16.41 -12.30
CA LEU B 71 -8.84 16.40 -12.79
C LEU B 71 -9.26 17.73 -13.48
N ALA B 72 -8.56 18.76 -13.03
CA ALA B 72 -8.69 20.08 -13.59
C ALA B 72 -8.28 19.96 -15.06
N GLN B 73 -7.27 19.16 -15.33
CA GLN B 73 -6.83 18.97 -16.69
C GLN B 73 -8.00 18.42 -17.40
N VAL B 74 -8.70 17.45 -16.85
CA VAL B 74 -9.74 16.80 -17.64
C VAL B 74 -10.92 17.80 -17.84
N ALA B 75 -11.02 18.75 -16.92
CA ALA B 75 -12.15 19.61 -16.73
C ALA B 75 -12.11 20.62 -17.85
N LYS B 76 -10.88 21.11 -17.99
CA LYS B 76 -10.47 22.09 -18.98
C LYS B 76 -10.44 21.40 -20.30
N GLY B 77 -10.95 20.20 -20.46
CA GLY B 77 -10.81 19.71 -21.84
C GLY B 77 -9.48 19.13 -22.29
N GLU B 78 -8.57 18.92 -21.35
CA GLU B 78 -7.24 18.59 -21.74
C GLU B 78 -6.75 17.27 -21.26
N ALA B 79 -7.65 16.51 -20.68
CA ALA B 79 -7.41 15.13 -20.23
C ALA B 79 -8.72 14.38 -20.20
N PHE B 80 -8.65 13.06 -20.10
CA PHE B 80 -9.85 12.21 -20.11
C PHE B 80 -9.88 11.30 -18.88
N LEU B 81 -11.06 11.10 -18.31
CA LEU B 81 -11.20 10.37 -17.05
C LEU B 81 -11.82 8.99 -17.22
N LEU B 82 -11.14 7.99 -16.68
CA LEU B 82 -11.61 6.61 -16.72
C LEU B 82 -11.71 6.08 -15.30
N GLN B 83 -12.85 5.48 -14.98
CA GLN B 83 -13.15 5.11 -13.60
C GLN B 83 -13.77 3.75 -13.70
N GLY B 84 -13.25 2.74 -13.04
CA GLY B 84 -13.59 1.35 -13.45
C GLY B 84 -13.23 0.33 -12.37
N GLY B 85 -14.06 -0.69 -12.22
CA GLY B 85 -13.95 -1.58 -11.08
C GLY B 85 -15.05 -2.60 -10.98
N ASP B 86 -14.98 -3.42 -9.94
CA ASP B 86 -16.13 -4.22 -9.60
C ASP B 86 -17.26 -3.27 -9.27
N CYS B 87 -18.51 -3.70 -9.53
CA CYS B 87 -19.65 -2.94 -9.02
C CYS B 87 -19.65 -3.00 -7.49
N ALA B 88 -19.42 -4.17 -6.86
CA ALA B 88 -19.17 -4.20 -5.40
C ALA B 88 -18.06 -5.17 -5.16
N GLU B 89 -17.00 -4.69 -4.56
CA GLU B 89 -15.85 -5.54 -4.39
C GLU B 89 -16.40 -6.47 -3.30
N THR B 90 -15.82 -7.65 -3.13
CA THR B 90 -16.09 -8.47 -1.94
C THR B 90 -14.86 -8.92 -1.15
N PHE B 91 -15.03 -9.06 0.15
CA PHE B 91 -13.92 -9.47 0.98
C PHE B 91 -13.40 -10.83 0.54
N MET B 92 -14.31 -11.72 0.19
CA MET B 92 -13.96 -13.08 -0.21
C MET B 92 -13.13 -13.08 -1.48
N ASP B 93 -13.42 -12.17 -2.39
CA ASP B 93 -12.73 -12.09 -3.66
C ASP B 93 -11.56 -11.12 -3.67
N ASN B 94 -11.23 -10.56 -2.52
CA ASN B 94 -10.25 -9.53 -2.47
C ASN B 94 -8.89 -10.18 -2.41
N THR B 95 -8.50 -10.76 -3.55
CA THR B 95 -7.31 -11.57 -3.69
C THR B 95 -6.31 -11.11 -4.72
N GLU B 96 -5.10 -11.65 -4.62
CA GLU B 96 -4.05 -11.20 -5.52
C GLU B 96 -4.51 -11.33 -6.95
N PRO B 97 -5.26 -12.36 -7.30
CA PRO B 97 -5.60 -12.53 -8.73
C PRO B 97 -6.65 -11.54 -9.16
N HIS B 98 -7.61 -11.27 -8.31
CA HIS B 98 -8.73 -10.50 -8.74
C HIS B 98 -8.31 -9.06 -8.84
N ILE B 99 -7.78 -8.55 -7.75
CA ILE B 99 -7.03 -7.32 -7.88
C ILE B 99 -6.09 -7.24 -9.08
N ARG B 100 -5.22 -8.22 -9.23
CA ARG B 100 -4.25 -8.07 -10.31
C ARG B 100 -5.04 -7.95 -11.61
N GLY B 101 -6.24 -8.51 -11.70
CA GLY B 101 -6.75 -8.67 -13.04
C GLY B 101 -7.64 -7.48 -13.30
N ASN B 102 -8.24 -6.86 -12.29
CA ASN B 102 -8.99 -5.66 -12.48
C ASN B 102 -7.98 -4.57 -12.77
N VAL B 103 -6.85 -4.60 -12.10
CA VAL B 103 -5.90 -3.52 -12.35
C VAL B 103 -5.50 -3.59 -13.80
N ARG B 104 -5.26 -4.79 -14.29
CA ARG B 104 -4.90 -5.01 -15.68
C ARG B 104 -6.01 -4.61 -16.66
N ALA B 105 -7.25 -4.96 -16.34
CA ALA B 105 -8.35 -4.64 -17.23
C ALA B 105 -8.54 -3.15 -17.37
N LEU B 106 -8.43 -2.45 -16.25
CA LEU B 106 -8.50 -1.00 -16.27
C LEU B 106 -7.34 -0.40 -17.05
N LEU B 107 -6.15 -0.95 -16.88
CA LEU B 107 -4.95 -0.38 -17.54
C LEU B 107 -5.06 -0.59 -19.07
N GLN B 108 -5.47 -1.78 -19.42
CA GLN B 108 -5.66 -2.04 -20.84
C GLN B 108 -6.64 -1.11 -21.55
N MET B 109 -7.71 -0.75 -20.87
CA MET B 109 -8.56 0.26 -21.48
C MET B 109 -7.86 1.62 -21.44
N ALA B 110 -7.03 1.79 -20.42
CA ALA B 110 -6.40 3.09 -20.34
C ALA B 110 -5.46 3.30 -21.57
N VAL B 111 -4.83 2.24 -22.04
CA VAL B 111 -3.91 2.52 -23.10
C VAL B 111 -4.69 2.78 -24.35
N VAL B 112 -5.79 2.06 -24.59
CA VAL B 112 -6.53 2.26 -25.83
C VAL B 112 -7.14 3.62 -25.67
N LEU B 113 -7.44 3.96 -24.44
CA LEU B 113 -8.17 5.21 -24.34
C LEU B 113 -7.23 6.38 -24.46
N THR B 114 -6.03 6.10 -23.92
CA THR B 114 -5.04 7.16 -24.01
C THR B 114 -4.79 7.49 -25.45
N TYR B 115 -4.73 6.46 -26.27
CA TYR B 115 -4.30 6.71 -27.65
C TYR B 115 -5.40 7.38 -28.41
N GLY B 116 -6.66 7.15 -28.03
CA GLY B 116 -7.84 7.71 -28.76
C GLY B 116 -8.14 9.13 -28.30
N ALA B 117 -8.34 9.39 -27.02
CA ALA B 117 -8.28 10.75 -26.59
C ALA B 117 -7.15 11.60 -27.16
N SER B 118 -5.97 11.03 -27.40
CA SER B 118 -4.76 11.80 -27.57
C SER B 118 -4.48 12.86 -26.55
N MET B 119 -4.73 12.49 -25.31
CA MET B 119 -4.44 13.22 -24.10
C MET B 119 -4.43 12.19 -22.96
N PRO B 120 -3.88 12.55 -21.84
CA PRO B 120 -3.77 11.62 -20.68
C PRO B 120 -5.10 11.15 -20.15
N VAL B 121 -5.19 9.89 -19.76
CA VAL B 121 -6.36 9.35 -19.09
C VAL B 121 -6.00 9.25 -17.62
N VAL B 122 -6.75 9.97 -16.79
CA VAL B 122 -6.67 9.82 -15.36
C VAL B 122 -7.46 8.58 -14.97
N LYS B 123 -6.79 7.68 -14.26
CA LYS B 123 -7.32 6.32 -14.11
C LYS B 123 -7.64 6.06 -12.67
N VAL B 124 -8.91 5.74 -12.42
CA VAL B 124 -9.50 5.75 -11.10
C VAL B 124 -10.17 4.42 -11.00
N ALA B 125 -9.81 3.65 -9.99
CA ALA B 125 -10.37 2.31 -9.87
C ALA B 125 -11.49 2.30 -8.86
N ARG B 126 -12.51 1.50 -9.12
CA ARG B 126 -13.53 1.20 -8.14
C ARG B 126 -12.94 0.06 -7.35
N ILE B 127 -12.13 0.41 -6.37
CA ILE B 127 -11.33 -0.55 -5.65
C ILE B 127 -11.03 0.00 -4.29
N ALA B 128 -10.60 -0.86 -3.38
CA ALA B 128 -10.17 -0.42 -2.06
C ALA B 128 -11.24 0.31 -1.26
N GLY B 129 -12.48 -0.15 -1.34
CA GLY B 129 -13.53 0.45 -0.55
C GLY B 129 -14.92 0.47 -1.15
N GLN B 130 -15.11 -0.18 -2.29
CA GLN B 130 -16.43 -0.29 -2.88
C GLN B 130 -17.16 -1.46 -2.23
N TYR B 131 -17.53 -1.31 -0.97
CA TYR B 131 -17.99 -2.41 -0.15
C TYR B 131 -19.43 -2.05 0.30
N ALA B 132 -19.96 -0.91 -0.11
CA ALA B 132 -21.22 -0.43 0.51
C ALA B 132 -22.11 -0.09 -0.68
N LYS B 133 -23.24 -0.75 -0.85
CA LYS B 133 -24.25 -0.31 -1.81
C LYS B 133 -25.56 0.32 -1.21
N PRO B 134 -26.27 1.12 -2.03
CA PRO B 134 -27.62 1.54 -1.66
C PRO B 134 -28.64 0.47 -2.03
N ARG B 135 -29.72 0.50 -1.27
CA ARG B 135 -30.79 -0.30 -1.79
C ARG B 135 -32.11 0.45 -1.75
N SER B 136 -32.93 0.19 -2.77
CA SER B 136 -34.19 0.89 -2.97
C SER B 136 -35.34 0.12 -2.28
N ALA B 137 -35.27 -1.20 -2.32
CA ALA B 137 -36.13 -2.03 -1.48
C ALA B 137 -35.33 -2.60 -0.32
N ASP B 138 -35.82 -2.40 0.90
CA ASP B 138 -35.20 -2.97 2.09
C ASP B 138 -35.24 -4.49 2.09
N ILE B 139 -36.36 -5.06 1.70
CA ILE B 139 -36.51 -6.50 1.76
C ILE B 139 -36.22 -7.08 0.39
N ASP B 140 -35.34 -8.06 0.39
CA ASP B 140 -34.79 -8.66 -0.82
C ASP B 140 -35.79 -9.55 -1.51
N ALA B 141 -35.43 -9.98 -2.71
CA ALA B 141 -36.26 -10.79 -3.57
C ALA B 141 -36.62 -12.09 -2.85
N LEU B 142 -35.68 -12.61 -2.08
CA LEU B 142 -35.91 -13.83 -1.32
C LEU B 142 -36.60 -13.59 0.02
N GLY B 143 -36.89 -12.33 0.32
CA GLY B 143 -37.58 -11.96 1.54
C GLY B 143 -36.62 -11.74 2.68
N LEU B 144 -35.36 -11.93 2.36
CA LEU B 144 -34.23 -11.67 3.24
C LEU B 144 -33.88 -10.19 3.12
N ARG B 145 -33.30 -9.66 4.19
CA ARG B 145 -32.89 -8.26 4.21
C ARG B 145 -31.88 -8.07 3.11
N SER B 146 -31.96 -6.93 2.45
CA SER B 146 -31.11 -6.67 1.30
C SER B 146 -29.64 -6.62 1.67
N TYR B 147 -28.81 -7.09 0.75
CA TYR B 147 -27.37 -7.04 0.89
C TYR B 147 -26.91 -5.64 0.52
N ARG B 148 -26.25 -4.97 1.44
CA ARG B 148 -25.81 -3.60 1.22
C ARG B 148 -24.34 -3.54 0.88
N GLY B 149 -23.75 -4.70 0.65
CA GLY B 149 -22.34 -4.84 0.40
C GLY B 149 -21.61 -5.21 1.66
N ASP B 150 -20.46 -5.85 1.49
CA ASP B 150 -19.68 -6.39 2.61
C ASP B 150 -19.43 -5.43 3.78
N MET B 151 -19.33 -4.11 3.63
CA MET B 151 -18.98 -3.22 4.73
C MET B 151 -20.21 -3.18 5.64
N ILE B 152 -21.31 -3.78 5.20
CA ILE B 152 -22.52 -3.71 6.04
C ILE B 152 -23.01 -5.11 6.38
N ASN B 153 -22.93 -5.98 5.40
CA ASN B 153 -23.43 -7.30 5.55
C ASN B 153 -23.05 -8.30 4.48
N GLY B 154 -23.53 -9.51 4.66
CA GLY B 154 -22.94 -10.57 3.93
C GLY B 154 -23.91 -10.98 2.85
N PHE B 155 -23.39 -11.61 1.81
CA PHE B 155 -24.13 -12.02 0.65
C PHE B 155 -24.95 -13.26 0.95
N ALA B 156 -24.36 -14.14 1.75
CA ALA B 156 -24.87 -15.50 1.95
C ALA B 156 -26.32 -15.20 2.13
N PRO B 157 -27.15 -15.90 1.37
CA PRO B 157 -28.60 -15.62 1.48
C PRO B 157 -29.25 -16.19 2.75
N ASP B 158 -28.89 -15.69 3.92
CA ASP B 158 -29.52 -16.10 5.15
C ASP B 158 -29.66 -15.02 6.25
N ALA B 159 -30.73 -15.12 7.02
CA ALA B 159 -31.10 -14.08 7.95
C ALA B 159 -29.83 -13.54 8.70
N ALA B 160 -29.11 -14.55 9.12
CA ALA B 160 -28.10 -14.21 10.07
C ALA B 160 -27.11 -13.28 9.35
N ALA B 161 -26.67 -13.75 8.19
CA ALA B 161 -25.66 -13.11 7.38
C ALA B 161 -26.05 -11.67 7.00
N ARG B 162 -27.33 -11.36 6.92
CA ARG B 162 -27.77 -10.04 6.43
C ARG B 162 -27.94 -8.98 7.53
N GLU B 163 -27.81 -9.45 8.76
CA GLU B 163 -27.87 -8.55 9.89
C GLU B 163 -26.71 -7.61 9.72
N HIS B 164 -26.91 -6.33 10.02
CA HIS B 164 -25.85 -5.36 9.83
C HIS B 164 -24.81 -5.54 10.92
N ASP B 165 -23.58 -5.77 10.50
CA ASP B 165 -22.48 -6.10 11.43
C ASP B 165 -21.43 -4.99 11.43
N PRO B 166 -21.39 -4.08 12.39
CA PRO B 166 -20.50 -2.91 12.29
C PRO B 166 -19.05 -3.32 12.40
N SER B 167 -18.84 -4.61 12.63
CA SER B 167 -17.51 -5.19 12.63
C SER B 167 -17.02 -5.12 11.20
N ARG B 168 -17.97 -5.04 10.30
CA ARG B 168 -17.74 -4.92 8.88
C ARG B 168 -17.01 -3.62 8.48
N LEU B 169 -17.18 -2.56 9.27
CA LEU B 169 -16.50 -1.32 8.99
C LEU B 169 -14.98 -1.44 9.05
N VAL B 170 -14.48 -2.19 10.03
CA VAL B 170 -13.06 -2.27 10.29
C VAL B 170 -12.51 -3.36 9.41
N ARG B 171 -13.35 -4.36 9.16
CA ARG B 171 -13.00 -5.40 8.21
C ARG B 171 -12.87 -4.82 6.82
N ALA B 172 -13.78 -3.92 6.47
CA ALA B 172 -13.77 -3.29 5.16
C ALA B 172 -12.51 -2.47 4.97
N TYR B 173 -12.11 -1.73 6.00
CA TYR B 173 -10.88 -0.98 5.93
C TYR B 173 -9.70 -1.92 5.80
N ALA B 174 -9.78 -3.03 6.51
CA ALA B 174 -8.70 -3.98 6.50
C ALA B 174 -8.54 -4.50 5.10
N ASN B 175 -9.64 -4.77 4.41
CA ASN B 175 -9.49 -5.25 3.03
C ASN B 175 -9.14 -4.09 2.14
N ALA B 176 -9.63 -2.89 2.47
CA ALA B 176 -9.23 -1.71 1.72
C ALA B 176 -7.72 -1.56 1.67
N SER B 177 -7.03 -1.56 2.79
CA SER B 177 -5.59 -1.27 2.80
C SER B 177 -4.92 -2.26 1.89
N ALA B 178 -5.32 -3.51 2.03
CA ALA B 178 -4.56 -4.60 1.52
C ALA B 178 -4.66 -4.52 0.02
N ALA B 179 -5.84 -4.22 -0.47
CA ALA B 179 -5.96 -4.06 -1.91
C ALA B 179 -5.14 -2.84 -2.32
N MET B 180 -5.33 -1.71 -1.65
CA MET B 180 -4.53 -0.54 -1.94
C MET B 180 -3.06 -0.86 -1.91
N ASN B 181 -2.61 -1.55 -0.89
CA ASN B 181 -1.19 -1.76 -0.81
C ASN B 181 -0.79 -2.45 -2.09
N LEU B 182 -1.68 -3.29 -2.60
CA LEU B 182 -1.27 -4.26 -3.59
C LEU B 182 -1.34 -3.52 -4.86
N VAL B 183 -2.24 -2.56 -4.97
CA VAL B 183 -2.40 -1.89 -6.29
C VAL B 183 -1.24 -0.92 -6.51
N ARG B 184 -0.82 -0.30 -5.41
CA ARG B 184 0.36 0.52 -5.42
C ARG B 184 1.58 -0.31 -5.77
N ALA B 185 1.68 -1.50 -5.18
CA ALA B 185 2.81 -2.36 -5.45
C ALA B 185 2.78 -2.78 -6.90
N LEU B 186 1.58 -3.10 -7.35
CA LEU B 186 1.38 -3.54 -8.72
C LEU B 186 1.65 -2.47 -9.75
N THR B 187 1.25 -1.23 -9.48
CA THR B 187 1.33 -0.27 -10.55
C THR B 187 2.72 0.33 -10.62
N SER B 188 3.53 0.07 -9.61
CA SER B 188 4.84 0.67 -9.61
C SER B 188 6.01 -0.29 -9.92
N SER B 189 5.65 -1.57 -9.95
CA SER B 189 6.46 -2.67 -10.42
C SER B 189 5.97 -2.90 -11.82
N GLY B 190 6.29 -4.03 -12.41
CA GLY B 190 5.91 -4.18 -13.82
C GLY B 190 4.49 -4.14 -14.30
N LEU B 191 3.50 -4.22 -13.42
CA LEU B 191 2.19 -4.50 -13.98
C LEU B 191 1.70 -3.41 -14.90
N ALA B 192 2.13 -2.16 -14.65
CA ALA B 192 1.63 -1.08 -15.47
C ALA B 192 2.58 -0.67 -16.59
N SER B 193 3.53 -1.49 -17.06
CA SER B 193 4.39 -1.03 -18.15
C SER B 193 3.48 -0.93 -19.36
N LEU B 194 3.35 0.26 -19.92
CA LEU B 194 2.66 0.41 -21.17
C LEU B 194 2.85 -0.72 -22.18
N HIS B 195 4.11 -1.06 -22.37
CA HIS B 195 4.49 -2.08 -23.31
C HIS B 195 3.92 -3.39 -22.87
N LEU B 196 3.94 -3.62 -21.56
CA LEU B 196 3.61 -4.96 -21.07
C LEU B 196 2.10 -5.04 -21.20
N VAL B 197 1.48 -3.89 -20.91
CA VAL B 197 0.04 -3.84 -21.00
C VAL B 197 -0.43 -3.98 -22.41
N HIS B 198 0.25 -3.34 -23.35
CA HIS B 198 -0.14 -3.37 -24.75
C HIS B 198 -0.05 -4.78 -25.30
N ASP B 199 0.98 -5.52 -24.89
CA ASP B 199 1.14 -6.89 -25.33
C ASP B 199 -0.11 -7.68 -24.97
N TRP B 200 -0.67 -7.40 -23.80
CA TRP B 200 -1.90 -8.05 -23.36
C TRP B 200 -3.05 -7.72 -24.30
N ASN B 201 -3.08 -6.49 -24.75
CA ASN B 201 -4.08 -6.04 -25.69
C ASN B 201 -3.96 -6.78 -27.01
N ARG B 202 -2.75 -7.20 -27.35
CA ARG B 202 -2.49 -7.70 -28.69
C ARG B 202 -3.06 -9.09 -28.75
N GLU B 203 -2.74 -9.85 -27.69
CA GLU B 203 -3.35 -11.16 -27.41
C GLU B 203 -4.87 -11.11 -27.54
N PHE B 204 -5.46 -10.16 -26.83
CA PHE B 204 -6.84 -9.89 -27.11
C PHE B 204 -7.23 -9.78 -28.58
N VAL B 205 -6.68 -8.81 -29.33
CA VAL B 205 -6.96 -8.83 -30.76
C VAL B 205 -6.72 -10.18 -31.47
N ARG B 206 -5.64 -10.93 -31.24
CA ARG B 206 -5.57 -12.24 -31.92
C ARG B 206 -6.80 -13.13 -31.67
N THR B 207 -6.98 -13.57 -30.42
CA THR B 207 -8.05 -14.47 -29.97
C THR B 207 -9.52 -13.85 -29.91
N SER B 208 -9.72 -12.53 -29.79
CA SER B 208 -11.08 -12.03 -29.79
C SER B 208 -11.66 -12.63 -31.03
N PRO B 209 -12.97 -12.90 -30.96
CA PRO B 209 -13.88 -13.11 -32.06
C PRO B 209 -14.07 -11.87 -32.93
N ALA B 210 -13.91 -10.66 -32.44
CA ALA B 210 -13.93 -9.55 -33.39
C ALA B 210 -12.55 -8.90 -33.43
N GLY B 211 -11.51 -9.66 -33.11
CA GLY B 211 -10.17 -9.13 -33.34
C GLY B 211 -10.12 -8.22 -34.54
N ALA B 212 -10.55 -8.71 -35.71
CA ALA B 212 -10.50 -7.96 -36.99
C ALA B 212 -11.02 -6.59 -36.75
N ARG B 213 -12.09 -6.48 -35.99
CA ARG B 213 -12.88 -5.28 -36.04
C ARG B 213 -11.98 -4.16 -35.59
N TYR B 214 -10.96 -4.56 -34.86
CA TYR B 214 -10.17 -3.69 -33.97
C TYR B 214 -8.67 -3.76 -34.19
N GLU B 215 -8.21 -4.94 -34.60
CA GLU B 215 -6.84 -5.09 -35.04
C GLU B 215 -6.22 -3.85 -35.72
N ALA B 216 -6.91 -3.23 -36.67
CA ALA B 216 -6.47 -1.97 -37.27
C ALA B 216 -6.09 -0.88 -36.28
N LEU B 217 -7.03 -0.56 -35.40
CA LEU B 217 -6.72 0.41 -34.36
C LEU B 217 -5.63 -0.13 -33.43
N ALA B 218 -5.58 -1.44 -33.26
CA ALA B 218 -4.60 -1.94 -32.32
C ALA B 218 -3.24 -1.84 -32.95
N THR B 219 -3.18 -1.89 -34.27
CA THR B 219 -1.90 -1.85 -34.95
C THR B 219 -1.47 -0.40 -34.82
N GLU B 220 -2.40 0.55 -34.90
CA GLU B 220 -1.99 1.97 -34.93
C GLU B 220 -1.41 2.40 -33.58
N ILE B 221 -1.88 1.80 -32.49
CA ILE B 221 -1.26 1.95 -31.19
C ILE B 221 0.10 1.28 -31.13
N ASP B 222 0.25 0.13 -31.74
CA ASP B 222 1.56 -0.49 -31.59
C ASP B 222 2.53 0.43 -32.22
N ARG B 223 2.10 0.96 -33.35
CA ARG B 223 2.89 1.89 -34.12
C ARG B 223 3.08 3.16 -33.34
N GLY B 224 2.05 3.63 -32.66
CA GLY B 224 2.30 4.74 -31.77
C GLY B 224 3.38 4.52 -30.76
N LEU B 225 3.33 3.35 -30.17
CA LEU B 225 4.17 3.01 -29.02
C LEU B 225 5.62 2.74 -29.42
N ARG B 226 5.77 2.12 -30.58
CA ARG B 226 7.05 1.90 -31.25
C ARG B 226 7.71 3.22 -31.65
N PHE B 227 6.87 4.17 -32.03
CA PHE B 227 7.29 5.49 -32.45
C PHE B 227 8.02 6.20 -31.32
N MET B 228 7.55 5.99 -30.10
CA MET B 228 8.17 6.61 -28.95
C MET B 228 9.61 6.15 -28.82
N SER B 229 9.84 4.87 -29.05
CA SER B 229 11.16 4.26 -28.89
C SER B 229 12.02 4.79 -29.99
N ALA B 230 11.44 4.94 -31.15
CA ALA B 230 12.21 5.32 -32.27
C ALA B 230 12.61 6.78 -32.11
N CYS B 231 11.84 7.59 -31.42
CA CYS B 231 12.28 8.91 -31.08
C CYS B 231 13.12 8.93 -29.82
N GLY B 232 13.49 7.80 -29.25
CA GLY B 232 14.36 7.79 -28.08
C GLY B 232 13.80 8.44 -26.83
N VAL B 233 12.48 8.38 -26.71
CA VAL B 233 11.77 8.87 -25.54
C VAL B 233 11.10 7.75 -24.73
N ALA B 234 11.46 6.50 -24.98
CA ALA B 234 10.77 5.39 -24.34
C ALA B 234 11.32 5.14 -22.94
N ASP B 235 11.06 6.10 -22.06
CA ASP B 235 11.71 6.18 -20.80
C ASP B 235 10.78 5.92 -19.59
N ARG B 236 11.26 6.34 -18.43
CA ARG B 236 10.72 6.02 -17.17
C ARG B 236 9.21 6.11 -17.03
N ASN B 237 8.63 7.13 -17.65
CA ASN B 237 7.23 7.39 -17.54
C ASN B 237 6.38 6.22 -17.97
N LEU B 238 6.84 5.49 -18.97
CA LEU B 238 6.10 4.37 -19.53
C LEU B 238 6.12 3.08 -18.71
N GLN B 239 6.84 3.09 -17.62
CA GLN B 239 7.01 1.85 -16.85
C GLN B 239 6.02 1.82 -15.67
N THR B 240 5.11 2.80 -15.57
CA THR B 240 4.26 3.06 -14.40
C THR B 240 3.11 3.96 -14.67
N ALA B 241 2.09 3.74 -13.92
CA ALA B 241 0.85 4.47 -14.08
C ALA B 241 0.26 4.65 -12.69
N GLU B 242 -0.56 5.67 -12.55
CA GLU B 242 -1.13 6.01 -11.28
C GLU B 242 -2.56 5.58 -11.34
N ILE B 243 -2.94 4.74 -10.41
CA ILE B 243 -4.31 4.32 -10.30
C ILE B 243 -4.84 4.87 -9.00
N TYR B 244 -5.94 5.57 -9.08
CA TYR B 244 -6.52 6.18 -7.89
C TYR B 244 -7.66 5.33 -7.39
N ALA B 245 -7.73 5.18 -6.08
CA ALA B 245 -8.81 4.46 -5.46
C ALA B 245 -10.03 5.35 -5.36
N SER B 246 -11.18 4.80 -5.73
CA SER B 246 -12.48 5.47 -5.48
C SER B 246 -13.59 4.50 -5.12
N HIS B 247 -14.60 5.08 -4.50
CA HIS B 247 -15.83 4.39 -4.19
C HIS B 247 -16.91 5.41 -3.92
N GLU B 248 -18.16 4.98 -3.97
CA GLU B 248 -19.27 5.82 -3.59
C GLU B 248 -19.14 6.10 -2.10
N ALA B 249 -19.30 7.36 -1.71
CA ALA B 249 -19.28 7.67 -0.30
C ALA B 249 -20.69 7.42 0.17
N LEU B 250 -20.96 6.15 0.48
CA LEU B 250 -22.29 5.75 0.90
C LEU B 250 -22.44 5.69 2.40
N VAL B 251 -21.48 5.10 3.08
CA VAL B 251 -21.60 4.94 4.52
C VAL B 251 -20.88 6.05 5.23
N LEU B 252 -21.67 6.89 5.87
CA LEU B 252 -21.14 7.97 6.66
C LEU B 252 -20.39 7.56 7.94
N ASP B 253 -20.72 6.41 8.54
CA ASP B 253 -19.91 5.99 9.72
C ASP B 253 -18.50 5.65 9.23
N TYR B 254 -18.37 4.95 8.10
CA TYR B 254 -17.11 4.77 7.36
C TYR B 254 -16.37 6.08 7.02
N GLU B 255 -16.99 6.96 6.23
CA GLU B 255 -16.16 8.05 5.65
C GLU B 255 -15.77 9.02 6.70
N ARG B 256 -16.67 9.09 7.68
CA ARG B 256 -16.47 10.01 8.77
C ARG B 256 -15.26 9.71 9.66
N ALA B 257 -15.13 8.41 9.93
CA ALA B 257 -13.99 7.72 10.54
C ALA B 257 -12.70 7.88 9.77
N MET B 258 -12.70 7.60 8.48
CA MET B 258 -11.45 7.84 7.76
C MET B 258 -11.11 9.29 7.42
N LEU B 259 -11.74 10.24 8.08
CA LEU B 259 -11.48 11.61 7.72
C LEU B 259 -10.14 11.92 8.31
N ARG B 260 -9.36 12.81 7.71
CA ARG B 260 -8.18 13.25 8.43
C ARG B 260 -7.89 14.68 8.05
N LEU B 261 -7.22 15.39 8.93
CA LEU B 261 -7.19 16.84 8.85
C LEU B 261 -5.80 17.01 8.37
N SER B 262 -5.63 17.79 7.32
CA SER B 262 -4.31 18.11 6.80
C SER B 262 -4.22 19.59 6.54
N ASP B 263 -2.99 20.10 6.57
CA ASP B 263 -2.74 21.48 6.22
C ASP B 263 -2.93 21.71 4.73
N GLY B 264 -3.31 22.94 4.38
CA GLY B 264 -3.48 23.33 2.99
C GLY B 264 -2.37 24.29 2.62
N ASP B 265 -1.84 24.13 1.41
CA ASP B 265 -0.75 24.98 0.95
C ASP B 265 -1.23 26.42 0.87
N ASP B 266 -2.53 26.57 0.65
CA ASP B 266 -3.19 27.86 0.75
C ASP B 266 -3.02 28.27 2.20
N GLY B 267 -2.79 27.26 3.03
CA GLY B 267 -2.35 27.43 4.41
C GLY B 267 -3.37 27.30 5.50
N GLU B 268 -4.64 27.37 5.14
CA GLU B 268 -5.68 26.91 6.05
C GLU B 268 -5.67 25.37 5.99
N PRO B 269 -5.93 24.79 7.16
CA PRO B 269 -6.16 23.35 7.30
C PRO B 269 -7.52 22.97 6.74
N GLN B 270 -7.64 21.77 6.21
CA GLN B 270 -8.91 21.25 5.72
C GLN B 270 -8.98 19.75 5.90
N LEU B 271 -10.17 19.20 5.78
CA LEU B 271 -10.37 17.78 5.98
C LEU B 271 -10.40 17.03 4.67
N PHE B 272 -9.54 16.04 4.53
CA PHE B 272 -9.70 15.12 3.48
C PHE B 272 -10.30 13.83 4.02
N ASP B 273 -11.03 13.13 3.19
CA ASP B 273 -11.43 11.81 3.53
C ASP B 273 -10.34 10.84 3.02
N LEU B 274 -9.62 10.15 3.90
CA LEU B 274 -8.47 9.46 3.39
C LEU B 274 -8.86 8.04 3.35
N SER B 275 -10.09 7.79 2.95
CA SER B 275 -10.52 6.42 2.68
C SER B 275 -10.37 6.07 1.22
N ALA B 276 -10.26 7.11 0.40
CA ALA B 276 -10.07 6.97 -1.05
C ALA B 276 -9.53 8.28 -1.58
N HIS B 277 -8.98 8.27 -2.79
CA HIS B 277 -8.59 9.51 -3.44
C HIS B 277 -9.79 10.38 -3.79
N THR B 278 -10.79 9.74 -4.36
CA THR B 278 -12.00 10.44 -4.76
C THR B 278 -13.19 9.57 -4.50
N VAL B 279 -14.29 10.20 -4.12
CA VAL B 279 -15.55 9.53 -3.83
C VAL B 279 -16.71 10.26 -4.49
N TRP B 280 -17.79 9.53 -4.77
CA TRP B 280 -18.96 10.11 -5.39
C TRP B 280 -20.23 9.79 -4.62
N ILE B 281 -21.12 10.77 -4.51
CA ILE B 281 -22.47 10.54 -4.02
C ILE B 281 -23.31 9.83 -5.08
N GLY B 282 -24.24 8.99 -4.64
CA GLY B 282 -25.03 8.18 -5.58
C GLY B 282 -26.33 8.84 -5.86
N GLU B 283 -27.09 8.21 -6.73
CA GLU B 283 -28.37 8.71 -7.18
C GLU B 283 -29.33 8.80 -6.01
N ARG B 284 -29.28 7.79 -5.13
CA ARG B 284 -30.19 7.71 -4.02
C ARG B 284 -29.79 8.51 -2.80
N THR B 285 -28.55 8.97 -2.75
CA THR B 285 -28.06 9.68 -1.58
C THR B 285 -27.77 11.16 -1.79
N ARG B 286 -28.26 11.72 -2.88
CA ARG B 286 -27.85 13.04 -3.33
C ARG B 286 -28.77 14.17 -2.91
N GLN B 287 -29.65 13.90 -1.96
CA GLN B 287 -30.59 14.93 -1.58
C GLN B 287 -29.77 16.14 -1.24
N ILE B 288 -30.19 17.29 -1.73
CA ILE B 288 -29.40 18.51 -1.72
C ILE B 288 -29.13 19.00 -0.31
N ASP B 289 -30.09 18.83 0.57
CA ASP B 289 -29.92 19.23 1.96
C ASP B 289 -29.57 18.00 2.81
N GLY B 290 -29.22 16.92 2.12
CA GLY B 290 -28.80 15.67 2.72
C GLY B 290 -27.41 15.67 3.34
N ALA B 291 -27.15 14.68 4.18
CA ALA B 291 -25.90 14.58 4.91
C ALA B 291 -24.75 14.35 3.94
N HIS B 292 -24.99 13.54 2.92
CA HIS B 292 -23.96 13.20 1.95
C HIS B 292 -23.43 14.38 1.14
N ILE B 293 -24.34 15.21 0.65
CA ILE B 293 -23.99 16.33 -0.21
C ILE B 293 -23.14 17.31 0.56
N ALA B 294 -23.52 17.49 1.82
CA ALA B 294 -22.91 18.46 2.75
C ALA B 294 -21.67 17.91 3.32
N PHE B 295 -21.61 16.59 3.42
CA PHE B 295 -20.37 15.97 3.85
C PHE B 295 -19.43 16.28 2.70
N ALA B 296 -19.93 15.91 1.53
CA ALA B 296 -19.19 16.19 0.30
C ALA B 296 -18.82 17.66 0.21
N GLN B 297 -19.59 18.57 0.79
CA GLN B 297 -19.06 19.92 0.89
C GLN B 297 -17.99 20.16 1.92
N VAL B 298 -17.75 19.28 2.87
CA VAL B 298 -16.70 19.59 3.85
C VAL B 298 -15.34 19.03 3.55
N ILE B 299 -15.33 17.84 2.96
CA ILE B 299 -14.09 17.21 2.53
C ILE B 299 -13.41 17.91 1.35
N ALA B 300 -12.07 17.91 1.38
CA ALA B 300 -11.24 18.44 0.30
C ALA B 300 -11.27 17.62 -0.97
N ASN B 301 -11.62 16.36 -0.87
CA ASN B 301 -11.51 15.43 -1.98
C ASN B 301 -12.33 15.85 -3.16
N PRO B 302 -11.83 15.55 -4.35
CA PRO B 302 -12.64 15.77 -5.54
C PRO B 302 -13.85 14.90 -5.36
N VAL B 303 -15.02 15.39 -5.71
CA VAL B 303 -16.25 14.60 -5.56
C VAL B 303 -16.90 14.47 -6.90
N GLY B 304 -17.63 13.38 -7.08
CA GLY B 304 -18.63 13.31 -8.15
C GLY B 304 -20.11 12.99 -7.82
N VAL B 305 -21.07 13.41 -8.65
CA VAL B 305 -22.48 13.25 -8.31
C VAL B 305 -23.17 12.52 -9.39
N LYS B 306 -23.81 11.41 -9.10
CA LYS B 306 -24.52 10.76 -10.14
C LYS B 306 -25.71 11.61 -10.53
N LEU B 307 -26.11 11.53 -11.80
CA LEU B 307 -27.27 12.28 -12.27
C LEU B 307 -28.24 11.39 -13.00
N GLY B 308 -29.47 11.37 -12.50
CA GLY B 308 -30.56 10.61 -13.07
C GLY B 308 -31.27 11.27 -14.23
N PRO B 309 -32.11 10.50 -14.89
CA PRO B 309 -32.99 11.02 -15.93
C PRO B 309 -33.88 12.08 -15.31
N ASN B 310 -34.21 11.83 -14.05
CA ASN B 310 -35.07 12.69 -13.27
C ASN B 310 -34.45 14.06 -13.10
N MET B 311 -33.14 14.14 -13.33
CA MET B 311 -32.42 15.38 -13.10
C MET B 311 -32.88 16.56 -13.94
N THR B 312 -32.88 17.72 -13.29
CA THR B 312 -33.15 19.01 -13.86
C THR B 312 -32.00 19.99 -13.84
N PRO B 313 -31.90 20.73 -14.96
CA PRO B 313 -30.88 21.73 -15.07
C PRO B 313 -30.68 22.54 -13.79
N GLU B 314 -31.72 22.77 -13.00
CA GLU B 314 -31.55 23.84 -11.99
C GLU B 314 -30.91 23.20 -10.77
N LEU B 315 -31.30 21.96 -10.54
CA LEU B 315 -30.75 21.16 -9.47
C LEU B 315 -29.27 20.95 -9.72
N ALA B 316 -28.94 20.68 -10.97
CA ALA B 316 -27.58 20.38 -11.35
C ALA B 316 -26.72 21.59 -11.03
N VAL B 317 -27.28 22.75 -11.29
CA VAL B 317 -26.63 24.00 -10.95
C VAL B 317 -26.45 24.17 -9.45
N GLU B 318 -27.42 23.71 -8.68
CA GLU B 318 -27.32 23.91 -7.23
C GLU B 318 -26.18 22.97 -6.78
N TYR B 319 -26.23 21.77 -7.35
CA TYR B 319 -25.13 20.89 -7.11
C TYR B 319 -23.80 21.61 -7.38
N VAL B 320 -23.65 22.14 -8.59
CA VAL B 320 -22.47 22.94 -8.83
C VAL B 320 -22.30 24.15 -7.90
N GLU B 321 -23.34 24.84 -7.47
CA GLU B 321 -22.95 26.03 -6.74
C GLU B 321 -22.56 25.62 -5.30
N ARG B 322 -23.00 24.42 -4.87
CA ARG B 322 -22.68 23.91 -3.51
C ARG B 322 -21.39 23.07 -3.41
N LEU B 323 -21.24 22.12 -4.31
CA LEU B 323 -20.05 21.30 -4.29
C LEU B 323 -18.88 22.13 -4.80
N ASP B 324 -19.15 23.18 -5.57
CA ASP B 324 -18.07 23.87 -6.22
C ASP B 324 -18.23 25.30 -5.93
N PRO B 325 -18.42 25.72 -4.69
CA PRO B 325 -18.62 27.13 -4.41
C PRO B 325 -17.39 28.01 -4.69
N HIS B 326 -16.25 27.41 -4.96
CA HIS B 326 -15.05 28.20 -5.19
C HIS B 326 -14.61 28.19 -6.65
N ASN B 327 -15.40 27.56 -7.50
CA ASN B 327 -15.09 27.48 -8.91
C ASN B 327 -13.69 26.94 -9.22
N LYS B 328 -13.33 25.83 -8.59
CA LYS B 328 -12.08 25.17 -8.93
C LYS B 328 -12.40 24.06 -9.89
N PRO B 329 -11.81 24.08 -11.07
CA PRO B 329 -12.16 23.12 -12.04
C PRO B 329 -11.70 21.76 -11.56
N GLY B 330 -12.66 20.83 -11.63
CA GLY B 330 -12.37 19.43 -11.45
C GLY B 330 -12.60 19.02 -10.01
N ARG B 331 -12.91 20.02 -9.19
CA ARG B 331 -13.39 19.67 -7.88
C ARG B 331 -14.63 18.81 -8.04
N LEU B 332 -15.42 18.97 -9.08
CA LEU B 332 -16.74 18.36 -9.17
C LEU B 332 -16.98 17.66 -10.46
N THR B 333 -17.28 16.36 -10.45
CA THR B 333 -17.62 15.62 -11.69
C THR B 333 -19.10 15.47 -11.56
N LEU B 334 -19.80 15.42 -12.67
CA LEU B 334 -21.23 15.20 -12.70
C LEU B 334 -21.32 14.05 -13.64
N VAL B 335 -21.80 12.92 -13.17
CA VAL B 335 -21.75 11.71 -13.90
C VAL B 335 -23.13 11.45 -14.48
N SER B 336 -23.29 11.56 -15.79
CA SER B 336 -24.59 11.23 -16.32
C SER B 336 -24.84 9.73 -16.41
N ARG B 337 -26.02 9.30 -15.99
CA ARG B 337 -26.55 7.96 -16.37
C ARG B 337 -28.00 8.06 -16.74
N MET B 338 -28.35 7.97 -18.02
CA MET B 338 -29.73 8.11 -18.44
C MET B 338 -30.25 6.87 -19.19
N GLY B 339 -29.33 6.07 -19.71
CA GLY B 339 -29.66 4.99 -20.61
C GLY B 339 -29.53 5.55 -22.01
N ASN B 340 -29.31 4.70 -22.99
CA ASN B 340 -29.08 5.21 -24.34
C ASN B 340 -30.29 5.97 -24.83
N HIS B 341 -31.47 5.46 -24.50
CA HIS B 341 -32.69 6.03 -25.02
C HIS B 341 -32.92 7.46 -24.57
N LYS B 342 -32.59 7.80 -23.32
CA LYS B 342 -32.86 9.19 -22.90
C LYS B 342 -31.66 10.15 -22.94
N VAL B 343 -30.45 9.68 -23.22
CA VAL B 343 -29.32 10.61 -22.98
C VAL B 343 -29.29 11.82 -23.92
N ARG B 344 -29.42 11.55 -25.21
CA ARG B 344 -29.63 12.63 -26.18
C ARG B 344 -30.66 13.73 -25.81
N ASP B 345 -31.87 13.37 -25.35
CA ASP B 345 -32.89 14.40 -25.05
C ASP B 345 -32.45 15.09 -23.78
N LEU B 346 -32.12 14.30 -22.77
CA LEU B 346 -32.13 14.84 -21.42
C LEU B 346 -30.95 15.69 -20.99
N LEU B 347 -29.78 15.34 -21.49
CA LEU B 347 -28.52 15.88 -20.96
C LEU B 347 -28.19 17.30 -21.39
N PRO B 348 -28.59 17.71 -22.61
CA PRO B 348 -28.02 18.98 -23.05
C PRO B 348 -28.37 20.16 -22.16
N PRO B 349 -29.67 20.25 -21.85
CA PRO B 349 -30.10 21.52 -21.25
C PRO B 349 -29.28 21.61 -19.98
N ILE B 350 -29.08 20.41 -19.41
CA ILE B 350 -28.37 20.30 -18.14
C ILE B 350 -26.93 20.80 -18.41
N VAL B 351 -26.35 20.26 -19.47
CA VAL B 351 -25.06 20.79 -19.86
C VAL B 351 -25.08 22.33 -20.00
N GLU B 352 -26.02 22.91 -20.76
CA GLU B 352 -25.98 24.37 -20.99
C GLU B 352 -26.10 25.21 -19.74
N LYS B 353 -27.08 24.82 -18.92
CA LYS B 353 -27.28 25.70 -17.73
C LYS B 353 -26.02 25.65 -16.88
N VAL B 354 -25.45 24.44 -16.71
CA VAL B 354 -24.31 24.23 -15.85
C VAL B 354 -23.18 25.02 -16.44
N GLN B 355 -23.02 24.81 -17.77
CA GLN B 355 -22.00 25.53 -18.53
C GLN B 355 -22.24 27.02 -18.40
N ALA B 356 -23.49 27.43 -18.42
CA ALA B 356 -23.80 28.86 -18.34
C ALA B 356 -23.19 29.48 -17.08
N THR B 357 -23.12 28.70 -16.00
CA THR B 357 -22.60 29.14 -14.71
C THR B 357 -21.14 29.59 -14.76
N GLY B 358 -20.34 28.93 -15.58
CA GLY B 358 -18.94 29.26 -15.73
C GLY B 358 -18.01 28.51 -14.80
N HIS B 359 -18.59 27.64 -13.99
CA HIS B 359 -17.83 26.61 -13.32
C HIS B 359 -17.50 25.56 -14.36
N GLN B 360 -16.35 24.93 -14.26
CA GLN B 360 -16.04 23.85 -15.17
C GLN B 360 -16.07 22.55 -14.41
N VAL B 361 -16.99 21.68 -14.79
CA VAL B 361 -17.09 20.40 -14.14
C VAL B 361 -16.57 19.36 -15.08
N ILE B 362 -16.29 18.16 -14.62
CA ILE B 362 -16.02 17.08 -15.54
C ILE B 362 -17.36 16.48 -15.92
N TRP B 363 -17.71 16.41 -17.17
CA TRP B 363 -18.84 15.61 -17.49
C TRP B 363 -18.45 14.20 -17.81
N GLN B 364 -19.00 13.22 -17.12
CA GLN B 364 -18.48 11.88 -17.17
C GLN B 364 -19.70 11.08 -17.50
N CYS B 365 -19.51 9.99 -18.24
CA CYS B 365 -20.61 9.12 -18.55
C CYS B 365 -20.71 7.73 -17.88
N ASP B 366 -21.66 7.59 -16.98
CA ASP B 366 -21.92 6.26 -16.46
C ASP B 366 -22.94 5.54 -17.34
N PRO B 367 -22.43 4.79 -18.30
CA PRO B 367 -23.25 3.99 -19.22
C PRO B 367 -24.02 2.84 -18.57
N MET B 368 -23.41 2.18 -17.60
CA MET B 368 -23.97 0.97 -16.99
C MET B 368 -25.27 1.09 -16.21
N HIS B 369 -25.36 2.11 -15.37
CA HIS B 369 -26.43 2.24 -14.38
C HIS B 369 -27.79 2.54 -14.95
N GLY B 370 -27.82 3.32 -16.00
CA GLY B 370 -29.03 3.60 -16.75
C GLY B 370 -29.63 2.36 -17.38
N ASN B 371 -28.79 1.47 -17.86
CA ASN B 371 -29.15 0.48 -18.84
C ASN B 371 -29.46 -0.92 -18.32
N THR B 372 -29.62 -1.05 -17.02
CA THR B 372 -29.87 -2.35 -16.41
C THR B 372 -31.23 -2.93 -16.81
N HIS B 373 -31.28 -4.24 -16.94
CA HIS B 373 -32.49 -4.95 -17.29
C HIS B 373 -32.41 -6.39 -16.81
N GLU B 374 -33.55 -7.08 -16.79
CA GLU B 374 -33.61 -8.43 -16.25
C GLU B 374 -33.73 -9.50 -17.32
N SER B 375 -32.93 -10.55 -17.19
CA SER B 375 -32.94 -11.64 -18.15
C SER B 375 -34.33 -12.25 -18.04
N SER B 376 -34.65 -13.08 -19.03
CA SER B 376 -35.70 -14.08 -18.83
C SER B 376 -35.14 -15.38 -18.25
N THR B 377 -33.82 -15.48 -18.11
CA THR B 377 -33.25 -16.61 -17.34
C THR B 377 -33.15 -16.23 -15.84
N GLY B 378 -33.61 -15.03 -15.44
CA GLY B 378 -33.62 -14.57 -14.03
C GLY B 378 -32.57 -13.59 -13.48
N PHE B 379 -31.53 -13.39 -14.29
CA PHE B 379 -30.33 -12.62 -13.93
C PHE B 379 -30.46 -11.19 -14.44
N LYS B 380 -30.15 -10.26 -13.53
CA LYS B 380 -29.94 -8.82 -13.75
C LYS B 380 -28.74 -8.57 -14.69
N THR B 381 -28.95 -7.86 -15.79
CA THR B 381 -27.95 -7.89 -16.84
C THR B 381 -27.94 -6.57 -17.60
N ARG B 382 -27.00 -6.44 -18.50
CA ARG B 382 -26.93 -5.26 -19.33
C ARG B 382 -26.61 -5.72 -20.72
N HIS B 383 -27.00 -4.93 -21.71
CA HIS B 383 -26.61 -5.26 -23.05
C HIS B 383 -25.48 -4.36 -23.48
N PHE B 384 -24.43 -4.99 -24.01
CA PHE B 384 -23.23 -4.29 -24.36
C PHE B 384 -23.63 -3.25 -25.37
N ASP B 385 -24.52 -3.64 -26.27
CA ASP B 385 -25.02 -2.72 -27.27
C ASP B 385 -25.62 -1.48 -26.63
N ARG B 386 -26.35 -1.62 -25.51
CA ARG B 386 -26.99 -0.39 -24.97
C ARG B 386 -25.94 0.47 -24.31
N ILE B 387 -24.94 -0.17 -23.69
CA ILE B 387 -23.94 0.56 -22.95
C ILE B 387 -23.14 1.45 -23.88
N VAL B 388 -22.80 0.90 -25.04
CA VAL B 388 -22.04 1.61 -26.04
C VAL B 388 -22.83 2.80 -26.55
N ASP B 389 -24.12 2.59 -26.77
CA ASP B 389 -24.96 3.62 -27.33
C ASP B 389 -25.05 4.81 -26.39
N GLU B 390 -25.15 4.53 -25.10
CA GLU B 390 -25.21 5.63 -24.15
C GLU B 390 -23.94 6.45 -24.17
N VAL B 391 -22.78 5.82 -24.32
CA VAL B 391 -21.56 6.61 -24.35
C VAL B 391 -21.48 7.40 -25.66
N GLN B 392 -21.80 6.65 -26.72
CA GLN B 392 -22.17 7.26 -27.97
C GLN B 392 -22.92 8.61 -27.85
N GLY B 393 -24.12 8.60 -27.31
CA GLY B 393 -24.89 9.83 -27.43
C GLY B 393 -24.40 10.80 -26.38
N PHE B 394 -23.84 10.24 -25.31
CA PHE B 394 -23.05 11.12 -24.44
C PHE B 394 -22.08 12.02 -25.23
N PHE B 395 -21.35 11.41 -26.15
CA PHE B 395 -20.43 12.18 -26.98
C PHE B 395 -21.12 13.18 -27.90
N GLU B 396 -22.20 12.76 -28.53
CA GLU B 396 -22.89 13.59 -29.49
C GLU B 396 -23.44 14.84 -28.83
N VAL B 397 -24.00 14.66 -27.65
CA VAL B 397 -24.47 15.75 -26.85
C VAL B 397 -23.39 16.77 -26.70
N HIS B 398 -22.23 16.31 -26.24
CA HIS B 398 -21.08 17.17 -26.01
C HIS B 398 -20.44 17.82 -27.25
N ARG B 399 -20.32 17.06 -28.32
CA ARG B 399 -19.75 17.58 -29.53
C ARG B 399 -20.66 18.70 -29.95
N ALA B 400 -21.93 18.47 -29.74
CA ALA B 400 -23.01 19.26 -30.39
C ALA B 400 -22.96 20.55 -29.61
N LEU B 401 -22.42 20.57 -28.41
CA LEU B 401 -22.45 21.85 -27.70
C LEU B 401 -21.03 22.41 -27.64
N GLY B 402 -20.06 21.60 -28.05
CA GLY B 402 -18.68 22.04 -27.93
C GLY B 402 -18.20 21.97 -26.50
N THR B 403 -18.96 21.27 -25.68
CA THR B 403 -18.55 20.94 -24.32
C THR B 403 -17.66 19.72 -24.36
N HIS B 404 -16.98 19.42 -23.25
CA HIS B 404 -16.04 18.33 -23.21
C HIS B 404 -16.59 17.06 -22.57
N PRO B 405 -16.81 16.04 -23.39
CA PRO B 405 -17.02 14.67 -22.91
C PRO B 405 -15.77 14.25 -22.18
N GLY B 406 -15.86 14.13 -20.86
CA GLY B 406 -14.72 14.31 -19.95
C GLY B 406 -14.22 12.95 -19.50
N GLY B 407 -15.01 11.89 -19.59
CA GLY B 407 -14.44 10.65 -19.16
C GLY B 407 -15.57 9.67 -19.04
N ILE B 408 -15.33 8.43 -18.63
CA ILE B 408 -16.42 7.48 -18.43
C ILE B 408 -16.29 6.68 -17.14
N HIS B 409 -17.42 6.28 -16.59
CA HIS B 409 -17.45 5.47 -15.39
C HIS B 409 -18.12 4.15 -15.75
N VAL B 410 -17.39 3.06 -15.62
CA VAL B 410 -17.91 1.75 -15.99
C VAL B 410 -17.64 0.72 -14.92
N GLU B 411 -18.44 -0.33 -14.90
CA GLU B 411 -18.17 -1.43 -14.01
C GLU B 411 -17.61 -2.56 -14.87
N ILE B 412 -16.40 -2.98 -14.57
CA ILE B 412 -15.78 -4.08 -15.31
C ILE B 412 -15.06 -4.98 -14.29
N THR B 413 -14.51 -6.09 -14.80
CA THR B 413 -13.66 -7.01 -14.04
C THR B 413 -12.63 -7.72 -14.95
N GLY B 414 -11.57 -8.23 -14.33
CA GLY B 414 -10.55 -8.93 -15.12
C GLY B 414 -10.98 -10.35 -15.41
N GLU B 415 -11.86 -10.88 -14.60
CA GLU B 415 -12.33 -12.23 -14.75
C GLU B 415 -13.03 -12.41 -16.12
N ASN B 416 -12.99 -13.62 -16.72
CA ASN B 416 -13.83 -13.86 -17.93
C ASN B 416 -15.25 -14.12 -17.37
N VAL B 417 -15.93 -13.10 -16.83
CA VAL B 417 -17.26 -13.40 -16.33
C VAL B 417 -18.22 -13.39 -17.51
N THR B 418 -19.44 -13.85 -17.28
CA THR B 418 -20.51 -13.71 -18.23
C THR B 418 -21.70 -13.05 -17.54
N GLU B 419 -21.56 -11.75 -17.26
CA GLU B 419 -22.61 -11.00 -16.59
C GLU B 419 -23.33 -9.98 -17.47
N CYS B 420 -22.81 -9.74 -18.67
CA CYS B 420 -23.40 -8.78 -19.58
C CYS B 420 -23.65 -9.43 -20.93
N LEU B 421 -24.80 -9.16 -21.54
CA LEU B 421 -25.05 -9.68 -22.87
C LEU B 421 -24.29 -8.82 -23.87
N GLY B 422 -24.00 -9.40 -25.03
CA GLY B 422 -23.36 -8.64 -26.08
C GLY B 422 -21.85 -8.68 -26.06
N GLY B 423 -21.25 -7.82 -26.86
CA GLY B 423 -19.82 -7.86 -27.10
C GLY B 423 -19.56 -8.84 -28.22
N ALA B 424 -18.28 -9.04 -28.53
CA ALA B 424 -17.89 -9.93 -29.60
C ALA B 424 -18.28 -11.36 -29.28
N GLN B 425 -18.34 -11.63 -27.99
CA GLN B 425 -18.63 -12.93 -27.42
C GLN B 425 -20.06 -13.38 -27.65
N ASP B 426 -20.97 -12.41 -27.76
CA ASP B 426 -22.40 -12.69 -27.80
C ASP B 426 -22.87 -13.47 -26.60
N ILE B 427 -22.49 -12.99 -25.41
CA ILE B 427 -22.94 -13.59 -24.17
C ILE B 427 -24.46 -13.55 -24.17
N SER B 428 -25.07 -14.64 -23.74
CA SER B 428 -26.48 -14.87 -23.94
C SER B 428 -27.17 -15.19 -22.63
N GLU B 429 -28.48 -15.03 -22.58
CA GLU B 429 -29.21 -15.19 -21.34
C GLU B 429 -28.98 -16.59 -20.84
N THR B 430 -28.93 -17.53 -21.77
CA THR B 430 -28.63 -18.91 -21.46
C THR B 430 -27.23 -18.97 -20.87
N ASP B 431 -26.36 -18.14 -21.40
CA ASP B 431 -24.89 -18.16 -21.10
C ASP B 431 -24.45 -17.64 -19.70
N LEU B 432 -25.24 -16.69 -19.20
CA LEU B 432 -25.16 -15.86 -17.98
C LEU B 432 -25.06 -16.70 -16.68
N ALA B 433 -25.50 -17.94 -16.83
CA ALA B 433 -25.73 -18.89 -15.74
C ALA B 433 -24.43 -19.67 -15.48
N GLY B 434 -23.40 -19.34 -16.25
CA GLY B 434 -22.18 -20.12 -16.22
C GLY B 434 -21.15 -19.51 -15.33
N ARG B 435 -20.98 -18.21 -15.49
CA ARG B 435 -20.16 -17.43 -14.58
C ARG B 435 -20.84 -16.08 -14.44
N TYR B 436 -21.59 -15.93 -13.36
CA TYR B 436 -22.28 -14.70 -13.07
C TYR B 436 -21.94 -14.45 -11.64
N GLU B 437 -20.69 -14.06 -11.44
CA GLU B 437 -20.13 -13.98 -10.09
C GLU B 437 -20.27 -12.62 -9.38
N THR B 438 -20.86 -11.65 -10.09
CA THR B 438 -21.06 -10.35 -9.48
C THR B 438 -21.68 -10.54 -8.08
N ALA B 439 -21.26 -9.78 -7.08
CA ALA B 439 -22.07 -9.52 -5.86
C ALA B 439 -23.24 -8.54 -6.03
N CYS B 440 -23.31 -7.94 -7.21
CA CYS B 440 -24.23 -6.83 -7.43
C CYS B 440 -24.63 -6.59 -8.90
N ASP B 441 -24.29 -5.42 -9.43
CA ASP B 441 -24.54 -5.09 -10.82
C ASP B 441 -23.63 -5.91 -11.72
N PRO B 442 -24.15 -6.29 -12.89
CA PRO B 442 -23.38 -7.07 -13.85
C PRO B 442 -22.20 -6.29 -14.41
N ARG B 443 -21.03 -6.90 -14.57
CA ARG B 443 -19.91 -6.17 -15.10
C ARG B 443 -19.57 -6.61 -16.51
N LEU B 444 -19.21 -5.64 -17.34
CA LEU B 444 -18.37 -5.96 -18.47
C LEU B 444 -17.21 -6.87 -18.05
N ASN B 445 -17.05 -8.04 -18.63
CA ASN B 445 -15.87 -8.86 -18.36
C ASN B 445 -14.66 -8.25 -19.08
N THR B 446 -13.47 -8.78 -18.83
CA THR B 446 -12.29 -8.43 -19.60
C THR B 446 -12.41 -8.10 -21.12
N GLN B 447 -12.87 -9.05 -21.93
CA GLN B 447 -13.18 -8.71 -23.33
C GLN B 447 -14.11 -7.56 -23.61
N GLN B 448 -15.08 -7.33 -22.72
CA GLN B 448 -16.13 -6.36 -23.00
C GLN B 448 -15.60 -4.99 -22.60
N SER B 449 -14.92 -4.85 -21.48
CA SER B 449 -14.35 -3.57 -21.11
C SER B 449 -13.42 -3.28 -22.24
N LEU B 450 -12.74 -4.29 -22.74
CA LEU B 450 -11.64 -3.80 -23.56
C LEU B 450 -12.30 -3.32 -24.81
N GLU B 451 -13.01 -4.26 -25.39
CA GLU B 451 -13.87 -3.83 -26.47
C GLU B 451 -14.46 -2.46 -26.29
N LEU B 452 -15.02 -2.14 -25.12
CA LEU B 452 -15.77 -0.84 -25.03
C LEU B 452 -14.74 0.29 -25.14
N ALA B 453 -13.50 -0.08 -24.87
CA ALA B 453 -12.41 0.88 -24.85
C ALA B 453 -12.13 1.22 -26.28
N PHE B 454 -11.90 0.16 -27.05
CA PHE B 454 -11.81 0.49 -28.47
C PHE B 454 -12.94 1.32 -29.00
N LEU B 455 -14.18 0.87 -28.77
CA LEU B 455 -15.32 1.56 -29.33
C LEU B 455 -15.29 2.93 -28.74
N VAL B 456 -14.89 3.10 -27.49
CA VAL B 456 -14.88 4.54 -27.13
C VAL B 456 -13.84 5.47 -27.79
N ALA B 457 -12.64 4.92 -28.02
CA ALA B 457 -11.54 5.65 -28.61
C ALA B 457 -11.91 6.15 -29.99
N GLU B 458 -12.64 5.33 -30.71
CA GLU B 458 -13.15 5.70 -32.02
C GLU B 458 -14.12 6.87 -31.88
N MET B 459 -14.92 6.82 -30.83
CA MET B 459 -15.83 7.91 -30.52
C MET B 459 -14.94 9.10 -30.29
N LEU B 460 -13.82 8.82 -29.65
CA LEU B 460 -12.79 9.82 -29.44
C LEU B 460 -12.14 10.34 -30.74
N ARG B 461 -11.86 9.50 -31.73
CA ARG B 461 -11.26 10.08 -32.91
C ARG B 461 -12.16 10.91 -33.86
N ASP B 462 -13.48 10.93 -33.69
CA ASP B 462 -14.44 11.57 -34.64
C ASP B 462 -14.88 13.02 -34.36
N TYR C . -2.92 -0.83 14.46
CA TYR C . -4.28 -1.18 14.95
C TYR C . -4.86 -2.41 15.65
O TYR C . -4.87 -3.53 15.18
CB TYR C . -5.34 -0.46 14.17
CG TYR C . -5.68 -1.30 12.98
CD1 TYR C . -4.83 -1.36 11.87
CD2 TYR C . -6.76 -2.17 13.02
CE1 TYR C . -5.13 -2.17 10.78
CE2 TYR C . -7.07 -2.97 11.93
CZ TYR C . -6.28 -2.95 10.79
OH TYR C . -6.57 -3.72 9.67
OXT TYR C . -5.48 -2.21 16.69
MN MN D . 16.25 -5.60 18.56
N TRP E . 15.44 8.25 -5.43
CA TRP E . 16.86 8.53 -5.15
C TRP E . 17.39 7.73 -4.03
O TRP E . 16.94 6.76 -3.39
CB TRP E . 17.03 9.95 -4.67
CG TRP E . 16.31 10.31 -3.39
CD1 TRP E . 15.10 10.94 -3.29
CD2 TRP E . 16.78 10.18 -2.01
NE1 TRP E . 14.81 11.21 -2.00
CE2 TRP E . 15.75 10.75 -1.18
CE3 TRP E . 17.91 9.74 -1.43
CZ2 TRP E . 15.84 10.74 0.22
CZ3 TRP E . 18.02 9.78 -0.03
CH2 TRP E . 17.02 10.28 0.79
OXT TRP E . 18.26 8.47 -3.67
P PO4 F . 19.88 -10.61 17.22
O1 PO4 F . 18.85 -9.56 17.65
O2 PO4 F . 21.00 -9.93 16.51
O3 PO4 F . 19.41 -11.71 16.30
O4 PO4 F . 20.42 -11.18 18.53
S SO4 G . 7.47 -19.51 25.63
O1 SO4 G . 7.93 -18.48 24.63
O2 SO4 G . 8.15 -19.34 26.98
O3 SO4 G . 7.56 -20.74 24.80
O4 SO4 G . 6.03 -19.73 25.97
CL CL H . 25.45 28.81 -0.14
C1 GOL I . 8.38 1.43 -2.60
O1 GOL I . 8.77 2.33 -1.54
C2 GOL I . 8.41 -0.06 -2.23
O2 GOL I . 8.94 -0.19 -0.90
C3 GOL I . 9.20 -0.95 -3.18
O3 GOL I . 9.64 -0.19 -4.34
CL CL J . 13.14 -23.17 21.73
N TYR K . -10.65 -10.90 2.65
CA TYR K . -10.53 -11.90 3.79
C TYR K . -11.28 -11.43 5.04
O TYR K . -11.68 -10.25 5.04
CB TYR K . -9.05 -12.15 4.20
CG TYR K . -8.34 -10.91 4.77
CD1 TYR K . -7.99 -9.84 3.95
CD2 TYR K . -8.04 -10.78 6.13
CE1 TYR K . -7.35 -8.70 4.41
CE2 TYR K . -7.42 -9.64 6.61
CZ TYR K . -7.02 -8.61 5.74
OH TYR K . -6.37 -7.45 6.15
OXT TYR K . -11.40 -12.21 6.03
N TYR L . -13.58 11.39 12.59
CA TYR L . -14.11 12.56 13.35
C TYR L . -15.61 12.57 13.22
O TYR L . -16.26 11.61 12.80
CB TYR L . -13.57 13.87 12.81
CG TYR L . -12.09 14.23 13.07
CD1 TYR L . -11.67 14.86 14.24
CD2 TYR L . -11.15 14.11 12.07
CE1 TYR L . -10.37 15.27 14.43
CE2 TYR L . -9.86 14.52 12.25
CZ TYR L . -9.49 15.15 13.41
OH TYR L . -8.18 15.55 13.55
OXT TYR L . -16.30 13.49 13.59
MN MN M . -23.28 -0.25 -8.95
N TRP N . 2.67 6.70 -17.19
CA TRP N . 1.81 7.30 -18.25
C TRP N . 0.36 7.22 -17.93
O TRP N . -0.05 6.91 -16.79
CB TRP N . 1.95 6.49 -19.52
CG TRP N . 1.63 5.08 -19.16
CD1 TRP N . 2.40 4.21 -18.41
CD2 TRP N . 0.41 4.34 -19.43
NE1 TRP N . 1.78 3.02 -18.24
CE2 TRP N . 0.58 3.03 -18.79
CE3 TRP N . -0.77 4.64 -20.09
CZ2 TRP N . -0.40 2.09 -18.78
CZ3 TRP N . -1.74 3.65 -20.18
CH2 TRP N . -1.56 2.40 -19.54
OXT TRP N . -0.33 7.49 -18.92
P PO4 O . -26.33 5.08 -9.02
O1 PO4 O . -25.93 6.16 -9.99
O2 PO4 O . -25.00 4.41 -8.90
O3 PO4 O . -27.23 3.99 -9.58
O4 PO4 O . -26.73 5.82 -7.76
S SO4 P . -32.89 -2.21 -5.13
O1 SO4 P . -33.89 -1.21 -5.64
O2 SO4 P . -31.83 -1.48 -4.39
O3 SO4 P . -32.25 -3.11 -6.15
O4 SO4 P . -33.69 -3.09 -4.23
C1 GOL Q . -0.10 5.30 -7.20
O1 GOL Q . -1.10 4.34 -7.63
C2 GOL Q . -0.70 6.51 -6.43
O2 GOL Q . -2.14 6.56 -6.48
C3 GOL Q . -0.13 7.91 -6.80
O3 GOL Q . 0.95 8.32 -5.93
C1 GOL R . -2.69 11.23 -15.66
O1 GOL R . -2.87 12.69 -15.61
C2 GOL R . -2.29 10.50 -14.36
O2 GOL R . -3.15 9.31 -14.17
C3 GOL R . -0.74 10.29 -14.21
O3 GOL R . -0.19 8.95 -14.43
C1 GOL S . -23.85 9.91 11.39
O1 GOL S . -22.56 9.28 11.62
C2 GOL S . -24.95 8.96 10.88
O2 GOL S . -24.60 8.46 9.58
C3 GOL S . -26.35 9.49 10.58
O3 GOL S . -26.31 10.27 9.38
#